data_8KE9
#
_entry.id   8KE9
#
_cell.length_a   1.00
_cell.length_b   1.00
_cell.length_c   1.00
_cell.angle_alpha   90.00
_cell.angle_beta   90.00
_cell.angle_gamma   90.00
#
_symmetry.space_group_name_H-M   'P 1'
#
_entity_poly.entity_id   1
_entity_poly.type   'polypeptide(L)'
_entity_poly.pdbx_seq_one_letter_code
;MTNIVGRIGFLTTGKLGIKLRGVLIDESTTPNTTYLPGIESFFNITANVLTSVSYPETETQNVTATFSIYSVDGSSNPVF
PALLSFDAIVPNVASVEFDVLAPTGVVNNQLDTSALRIAKIIANDPALAQKVAGAPYPRGAYSATETYLYGEMVSYFGKN
YISKSLSPIINILPTVTDSWYELVITLPESVSVIATGSDTAYGTGWNGSLLVPTQNAVYDKIVTVDAAIATANTNITNLG
TAKADLSYVNTQLSADQVVLDALSSGKADLSYVNTQLNSKANLNGAVLVNATTATPPISDNDTSLATTQHVRSFNHSRLA
FNAFRGGQQGVPSLSYVTTTAQFNSSSVRSGWGDNFSSNRWLVGEGGTYLITVTTRFATVGGTPPTYFDALLFVGLSGSG
VENFLTRSQSVYPSFGYTLSWVGILTFNTGQNVFLNYQVNAVGGGSYSVVLEDVRFSGIQLG
;
_entity_poly.pdbx_strand_id   A,B,C
#
# COMPACT_ATOMS: atom_id res chain seq x y z
N ASP A 245 -43.27 -15.75 -76.98
CA ASP A 245 -44.02 -16.13 -75.80
C ASP A 245 -43.75 -15.17 -74.65
N LEU A 246 -44.77 -14.45 -74.21
CA LEU A 246 -44.60 -13.54 -73.09
C LEU A 246 -44.54 -14.31 -71.79
N SER A 247 -45.27 -15.41 -71.69
CA SER A 247 -45.24 -16.23 -70.49
C SER A 247 -43.81 -16.65 -70.18
N TYR A 248 -43.02 -16.94 -71.21
CA TYR A 248 -41.63 -17.29 -71.01
C TYR A 248 -40.90 -16.20 -70.24
N VAL A 249 -40.92 -14.98 -70.77
CA VAL A 249 -40.27 -13.86 -70.10
C VAL A 249 -40.83 -13.63 -68.70
N ASN A 250 -42.14 -13.81 -68.54
CA ASN A 250 -42.77 -13.56 -67.24
C ASN A 250 -42.26 -14.50 -66.17
N THR A 251 -42.11 -15.77 -66.53
CA THR A 251 -41.64 -16.76 -65.56
C THR A 251 -40.16 -16.56 -65.23
N GLN A 252 -39.39 -16.14 -66.22
CA GLN A 252 -37.97 -15.88 -65.99
C GLN A 252 -37.80 -14.60 -65.19
N LEU A 253 -38.72 -13.66 -65.35
CA LEU A 253 -38.67 -12.42 -64.60
C LEU A 253 -39.12 -12.69 -63.19
N SER A 254 -39.99 -13.68 -63.02
CA SER A 254 -40.41 -14.05 -61.69
C SER A 254 -39.24 -14.69 -60.97
N ALA A 255 -38.42 -15.45 -61.70
CA ALA A 255 -37.23 -16.03 -61.10
C ALA A 255 -36.28 -14.92 -60.70
N ASP A 256 -36.09 -13.93 -61.57
CA ASP A 256 -35.25 -12.80 -61.23
C ASP A 256 -35.77 -12.12 -59.97
N GLN A 257 -37.08 -11.90 -59.91
CA GLN A 257 -37.67 -11.25 -58.77
C GLN A 257 -37.51 -12.04 -57.48
N VAL A 258 -37.55 -13.36 -57.56
CA VAL A 258 -37.33 -14.20 -56.38
C VAL A 258 -35.97 -13.86 -55.80
N VAL A 259 -34.92 -13.95 -56.61
CA VAL A 259 -33.59 -13.60 -56.13
C VAL A 259 -33.56 -12.17 -55.61
N LEU A 260 -34.06 -11.24 -56.41
CA LEU A 260 -34.08 -9.83 -56.02
C LEU A 260 -34.69 -9.62 -54.64
N ASP A 261 -35.94 -10.00 -54.46
CA ASP A 261 -36.61 -9.75 -53.19
C ASP A 261 -35.99 -10.50 -52.01
N ALA A 262 -35.41 -11.67 -52.27
CA ALA A 262 -34.76 -12.40 -51.20
C ALA A 262 -33.51 -11.66 -50.75
N LEU A 263 -32.68 -11.25 -51.70
CA LEU A 263 -31.46 -10.56 -51.35
C LEU A 263 -31.75 -9.17 -50.78
N SER A 264 -32.93 -8.62 -51.07
CA SER A 264 -33.28 -7.33 -50.50
C SER A 264 -33.61 -7.49 -49.02
N SER A 265 -34.48 -8.44 -48.71
CA SER A 265 -34.88 -8.65 -47.32
C SER A 265 -33.69 -9.12 -46.50
N GLY A 266 -32.95 -10.09 -47.03
CA GLY A 266 -31.79 -10.59 -46.32
C GLY A 266 -30.53 -9.85 -46.71
N LYS A 267 -30.30 -8.67 -46.13
CA LYS A 267 -29.10 -7.89 -46.42
C LYS A 267 -28.91 -6.83 -45.35
N ALA A 268 -27.67 -6.43 -45.11
CA ALA A 268 -27.40 -5.38 -44.14
C ALA A 268 -27.50 -4.03 -44.81
N ASP A 269 -28.43 -3.19 -44.36
CA ASP A 269 -28.65 -1.89 -44.99
C ASP A 269 -27.76 -0.81 -44.40
N LEU A 270 -27.00 -0.11 -45.24
CA LEU A 270 -26.04 0.90 -44.78
C LEU A 270 -26.40 1.76 -43.56
N SER A 271 -27.49 2.52 -43.59
CA SER A 271 -27.77 3.41 -42.47
C SER A 271 -27.82 2.63 -41.17
N TYR A 272 -28.53 1.50 -41.17
CA TYR A 272 -28.60 0.66 -39.98
C TYR A 272 -27.22 0.15 -39.59
N VAL A 273 -26.43 -0.27 -40.58
CA VAL A 273 -25.09 -0.78 -40.27
C VAL A 273 -24.25 0.30 -39.61
N ASN A 274 -24.28 1.51 -40.15
CA ASN A 274 -23.53 2.61 -39.57
C ASN A 274 -24.02 2.91 -38.16
N THR A 275 -25.33 2.88 -37.95
CA THR A 275 -25.86 3.11 -36.61
C THR A 275 -25.30 2.08 -35.63
N GLN A 276 -25.39 0.80 -35.99
CA GLN A 276 -24.88 -0.24 -35.12
C GLN A 276 -23.40 -0.04 -34.83
N LEU A 277 -22.61 0.21 -35.87
CA LEU A 277 -21.17 0.42 -35.69
C LEU A 277 -20.91 1.57 -34.74
N ASN A 278 -21.58 2.70 -34.96
CA ASN A 278 -21.43 3.83 -34.05
C ASN A 278 -21.76 3.43 -32.63
N SER A 279 -22.73 2.54 -32.46
CA SER A 279 -23.02 2.03 -31.13
C SER A 279 -21.86 1.20 -30.59
N LYS A 280 -21.09 0.57 -31.46
CA LYS A 280 -19.97 -0.26 -31.03
C LYS A 280 -18.84 0.62 -30.53
N ALA A 281 -17.82 -0.02 -29.94
CA ALA A 281 -16.71 0.68 -29.30
C ALA A 281 -15.52 0.68 -30.25
N ASN A 282 -15.07 1.88 -30.63
CA ASN A 282 -13.88 2.00 -31.45
C ASN A 282 -12.65 1.60 -30.65
N LEU A 283 -11.76 0.83 -31.29
CA LEU A 283 -10.53 0.20 -30.83
C LEU A 283 -9.49 1.24 -30.43
N ASN A 284 -9.37 2.32 -31.20
CA ASN A 284 -8.32 3.32 -30.96
C ASN A 284 -8.79 4.39 -29.97
N GLY A 285 -9.86 5.11 -30.30
CA GLY A 285 -10.38 6.13 -29.42
C GLY A 285 -11.48 5.62 -28.52
N ALA A 286 -11.19 4.53 -27.80
CA ALA A 286 -12.21 3.83 -27.03
C ALA A 286 -12.63 4.69 -25.84
N VAL A 287 -13.89 5.10 -25.83
CA VAL A 287 -14.48 5.79 -24.68
C VAL A 287 -15.90 5.26 -24.51
N LEU A 288 -16.10 4.43 -23.50
CA LEU A 288 -17.21 3.62 -23.01
C LEU A 288 -17.78 4.07 -21.69
N VAL A 289 -19.10 4.06 -21.57
CA VAL A 289 -19.76 4.45 -20.33
C VAL A 289 -19.26 3.59 -19.19
N ASN A 290 -19.26 2.27 -19.38
CA ASN A 290 -18.72 1.35 -18.38
C ASN A 290 -18.40 0.03 -19.07
N ALA A 291 -17.64 -0.80 -18.36
CA ALA A 291 -17.26 -2.09 -18.89
C ALA A 291 -16.67 -2.92 -17.76
N THR A 292 -16.91 -4.22 -17.80
CA THR A 292 -16.48 -5.13 -16.74
C THR A 292 -15.73 -6.30 -17.35
N THR A 293 -14.91 -6.95 -16.53
CA THR A 293 -14.18 -8.15 -16.92
C THR A 293 -14.03 -9.04 -15.71
N ALA A 294 -13.75 -10.32 -15.96
CA ALA A 294 -13.51 -11.25 -14.87
C ALA A 294 -12.35 -10.76 -14.01
N THR A 295 -12.56 -10.76 -12.70
CA THR A 295 -11.52 -10.33 -11.78
C THR A 295 -10.28 -11.19 -12.02
N PRO A 296 -9.21 -10.64 -12.60
CA PRO A 296 -8.03 -11.45 -12.88
C PRO A 296 -7.36 -11.88 -11.58
N PRO A 297 -6.62 -12.98 -11.60
CA PRO A 297 -5.98 -13.45 -10.36
C PRO A 297 -5.03 -12.41 -9.81
N ILE A 298 -4.94 -12.35 -8.48
CA ILE A 298 -4.13 -11.31 -7.84
C ILE A 298 -2.69 -11.37 -8.34
N SER A 299 -2.17 -12.57 -8.57
CA SER A 299 -0.78 -12.75 -8.96
C SER A 299 -0.48 -12.27 -10.39
N ASP A 300 -1.51 -11.97 -11.18
CA ASP A 300 -1.29 -11.65 -12.58
C ASP A 300 -0.40 -10.41 -12.71
N ASN A 301 0.47 -10.42 -13.71
CA ASN A 301 1.34 -9.29 -14.00
C ASN A 301 1.38 -8.95 -15.49
N ASP A 302 0.45 -9.48 -16.27
CA ASP A 302 0.40 -9.18 -17.69
C ASP A 302 -0.22 -7.80 -17.91
N THR A 303 -0.54 -7.47 -19.15
CA THR A 303 -1.18 -6.21 -19.47
C THR A 303 -2.70 -6.31 -19.48
N SER A 304 -3.25 -7.33 -18.82
CA SER A 304 -4.69 -7.46 -18.72
C SER A 304 -5.28 -6.33 -17.87
N LEU A 305 -6.50 -5.92 -18.21
CA LEU A 305 -7.13 -4.84 -17.49
C LEU A 305 -7.40 -5.23 -16.04
N ALA A 306 -7.41 -4.24 -15.16
CA ALA A 306 -7.55 -4.47 -13.73
C ALA A 306 -8.99 -4.13 -13.31
N THR A 307 -9.53 -4.92 -12.39
CA THR A 307 -10.84 -4.66 -11.84
C THR A 307 -10.71 -4.00 -10.47
N THR A 308 -11.75 -3.24 -10.10
CA THR A 308 -11.78 -2.65 -8.78
C THR A 308 -11.57 -3.71 -7.70
N GLN A 309 -12.19 -4.88 -7.90
CA GLN A 309 -11.92 -6.00 -6.99
C GLN A 309 -10.45 -6.33 -6.97
N HIS A 310 -9.82 -6.38 -8.14
CA HIS A 310 -8.39 -6.69 -8.19
C HIS A 310 -7.57 -5.62 -7.49
N VAL A 311 -7.91 -4.35 -7.69
CA VAL A 311 -7.17 -3.28 -7.02
C VAL A 311 -7.28 -3.43 -5.52
N ARG A 312 -8.49 -3.64 -5.01
CA ARG A 312 -8.65 -3.82 -3.57
C ARG A 312 -7.85 -5.01 -3.08
N SER A 313 -7.99 -6.15 -3.75
CA SER A 313 -7.32 -7.36 -3.30
C SER A 313 -5.81 -7.20 -3.27
N PHE A 314 -5.21 -6.63 -4.32
CA PHE A 314 -3.77 -6.55 -4.37
C PHE A 314 -3.23 -5.74 -3.20
N ASN A 315 -3.78 -4.54 -2.98
CA ASN A 315 -3.37 -3.75 -1.83
C ASN A 315 -3.56 -4.55 -0.55
N HIS A 316 -4.74 -5.15 -0.38
CA HIS A 316 -4.97 -6.01 0.78
C HIS A 316 -4.06 -7.22 0.74
N SER A 317 -3.65 -7.65 -0.46
CA SER A 317 -2.77 -8.80 -0.57
C SER A 317 -1.33 -8.46 -0.21
N ARG A 318 -0.98 -7.17 -0.23
CA ARG A 318 0.41 -6.78 0.02
C ARG A 318 0.81 -6.90 1.49
N LEU A 319 -0.03 -7.45 2.37
CA LEU A 319 0.33 -7.59 3.77
C LEU A 319 1.37 -8.69 3.99
N ALA A 320 1.61 -9.55 3.01
CA ALA A 320 2.64 -10.58 3.12
C ALA A 320 2.25 -11.62 4.17
N PHE A 321 2.36 -11.27 5.45
CA PHE A 321 2.07 -12.22 6.51
C PHE A 321 1.98 -11.47 7.83
N ASN A 322 1.61 -12.22 8.87
CA ASN A 322 1.56 -11.69 10.23
C ASN A 322 1.73 -12.85 11.20
N ALA A 323 2.38 -12.57 12.33
CA ALA A 323 2.56 -13.55 13.39
C ALA A 323 2.42 -12.86 14.73
N PHE A 324 1.69 -13.51 15.64
CA PHE A 324 1.40 -12.94 16.96
C PHE A 324 1.51 -14.05 17.99
N ARG A 325 1.90 -13.66 19.20
CA ARG A 325 1.98 -14.57 20.35
C ARG A 325 0.98 -14.12 21.39
N GLY A 326 0.18 -15.07 21.87
CA GLY A 326 -0.74 -14.82 22.97
C GLY A 326 -0.20 -15.45 24.25
N GLY A 327 -0.07 -14.62 25.28
CA GLY A 327 0.41 -15.06 26.58
C GLY A 327 1.85 -14.66 26.82
N GLN A 328 2.46 -15.33 27.81
CA GLN A 328 3.81 -15.05 28.23
C GLN A 328 4.66 -16.31 28.16
N GLN A 329 5.92 -16.15 27.79
CA GLN A 329 6.90 -17.23 27.77
C GLN A 329 8.13 -16.78 28.55
N GLY A 330 8.78 -17.74 29.19
CA GLY A 330 9.99 -17.43 29.95
C GLY A 330 11.22 -17.48 29.07
N VAL A 331 12.11 -16.50 29.27
CA VAL A 331 13.37 -16.46 28.54
C VAL A 331 14.27 -17.56 29.11
N PRO A 332 14.74 -18.50 28.28
CA PRO A 332 15.47 -19.65 28.86
C PRO A 332 16.81 -19.29 29.47
N SER A 333 17.64 -18.53 28.77
CA SER A 333 19.01 -18.28 29.19
C SER A 333 19.36 -16.82 29.00
N LEU A 334 19.92 -16.21 30.05
CA LEU A 334 20.45 -14.85 29.98
C LEU A 334 21.95 -14.88 29.70
N SER A 335 22.34 -15.59 28.65
CA SER A 335 23.75 -15.81 28.35
C SER A 335 24.01 -15.66 26.85
N TYR A 336 23.42 -14.64 26.24
CA TYR A 336 23.57 -14.41 24.80
C TYR A 336 23.27 -15.68 24.01
N VAL A 337 22.28 -16.43 24.46
CA VAL A 337 21.90 -17.68 23.83
C VAL A 337 20.98 -17.37 22.66
N THR A 338 21.39 -17.77 21.46
CA THR A 338 20.55 -17.58 20.28
C THR A 338 19.25 -18.35 20.47
N THR A 339 18.16 -17.63 20.66
CA THR A 339 16.86 -18.23 20.93
C THR A 339 15.83 -17.67 19.97
N THR A 340 15.00 -18.55 19.43
CA THR A 340 13.95 -18.20 18.49
C THR A 340 12.60 -18.24 19.21
N ALA A 341 11.96 -17.09 19.35
CA ALA A 341 10.68 -17.03 20.02
C ALA A 341 9.61 -17.75 19.19
N GLN A 342 8.78 -18.53 19.87
CA GLN A 342 7.71 -19.26 19.21
C GLN A 342 6.46 -18.39 19.12
N PHE A 343 5.55 -18.80 18.25
CA PHE A 343 4.33 -18.06 17.98
C PHE A 343 3.12 -18.96 18.14
N ASN A 344 2.03 -18.38 18.67
CA ASN A 344 0.78 -19.11 18.86
C ASN A 344 -0.18 -18.92 17.70
N SER A 345 -0.10 -17.79 17.00
CA SER A 345 -0.99 -17.51 15.88
C SER A 345 -0.23 -16.74 14.82
N SER A 346 -0.54 -17.02 13.56
CA SER A 346 0.12 -16.33 12.45
C SER A 346 -0.67 -16.58 11.17
N SER A 347 -0.82 -15.55 10.36
CA SER A 347 -1.55 -15.62 9.11
C SER A 347 -0.66 -15.12 7.98
N VAL A 348 -0.86 -15.68 6.79
CA VAL A 348 -0.10 -15.32 5.60
C VAL A 348 -1.06 -15.00 4.46
N ARG A 349 -0.61 -14.15 3.56
CA ARG A 349 -1.37 -13.89 2.35
C ARG A 349 -1.35 -15.14 1.47
N SER A 350 -2.47 -15.43 0.84
CA SER A 350 -2.54 -16.59 -0.05
C SER A 350 -2.14 -16.20 -1.47
N GLY A 351 -1.84 -17.21 -2.27
CA GLY A 351 -1.52 -17.01 -3.66
C GLY A 351 -0.11 -16.53 -3.93
N TRP A 352 0.81 -16.68 -2.97
CA TRP A 352 2.19 -16.31 -3.18
C TRP A 352 3.20 -17.32 -2.65
N GLY A 353 2.74 -18.41 -2.02
CA GLY A 353 3.63 -19.36 -1.42
C GLY A 353 4.12 -18.98 -0.04
N ASP A 354 3.74 -17.81 0.47
CA ASP A 354 4.13 -17.42 1.81
C ASP A 354 3.57 -18.39 2.84
N ASN A 355 4.39 -18.74 3.81
CA ASN A 355 3.98 -19.64 4.88
C ASN A 355 4.77 -19.33 6.13
N PHE A 356 4.09 -19.39 7.28
CA PHE A 356 4.72 -19.20 8.58
C PHE A 356 4.54 -20.52 9.35
N SER A 357 5.59 -21.33 9.36
CA SER A 357 5.55 -22.64 9.97
C SER A 357 6.72 -22.80 10.92
N SER A 358 6.53 -23.61 11.96
CA SER A 358 7.57 -23.91 12.94
C SER A 358 8.10 -22.64 13.59
N ASN A 359 7.22 -21.63 13.69
CA ASN A 359 7.61 -20.33 14.21
C ASN A 359 8.68 -19.68 13.35
N ARG A 360 8.63 -19.92 12.04
CA ARG A 360 9.61 -19.39 11.11
C ARG A 360 8.90 -19.02 9.82
N TRP A 361 9.15 -17.80 9.34
CA TRP A 361 8.51 -17.28 8.14
C TRP A 361 9.26 -17.78 6.92
N LEU A 362 8.56 -18.54 6.07
CA LEU A 362 9.08 -18.95 4.79
C LEU A 362 8.79 -17.86 3.78
N VAL A 363 9.83 -17.38 3.09
CA VAL A 363 9.65 -16.30 2.12
C VAL A 363 9.03 -16.90 0.87
N GLY A 364 7.71 -16.79 0.74
CA GLY A 364 7.04 -17.30 -0.43
C GLY A 364 7.51 -16.60 -1.70
N GLU A 365 7.65 -15.27 -1.64
CA GLU A 365 8.10 -14.49 -2.78
C GLU A 365 9.29 -13.63 -2.36
N GLY A 366 10.36 -13.69 -3.15
CA GLY A 366 11.49 -12.81 -2.92
C GLY A 366 11.12 -11.38 -3.25
N GLY A 367 11.91 -10.45 -2.73
CA GLY A 367 11.68 -9.04 -3.00
C GLY A 367 12.03 -8.19 -1.79
N THR A 368 11.47 -6.99 -1.78
CA THR A 368 11.69 -6.02 -0.71
C THR A 368 10.51 -6.04 0.23
N TYR A 369 10.76 -6.28 1.51
CA TYR A 369 9.71 -6.38 2.52
C TYR A 369 10.03 -5.47 3.69
N LEU A 370 9.00 -4.86 4.24
CA LEU A 370 9.11 -4.10 5.48
C LEU A 370 8.73 -5.01 6.63
N ILE A 371 9.65 -5.18 7.58
CA ILE A 371 9.51 -6.14 8.66
C ILE A 371 9.17 -5.37 9.93
N THR A 372 8.17 -5.87 10.67
CA THR A 372 7.72 -5.28 11.92
C THR A 372 7.86 -6.30 13.02
N VAL A 373 8.61 -5.96 14.07
CA VAL A 373 8.90 -6.88 15.17
C VAL A 373 8.71 -6.13 16.49
N THR A 374 8.02 -6.78 17.42
CA THR A 374 7.83 -6.22 18.76
C THR A 374 7.98 -7.34 19.76
N THR A 375 8.92 -7.19 20.70
CA THR A 375 9.14 -8.18 21.74
C THR A 375 9.43 -7.45 23.05
N ARG A 376 8.96 -8.01 24.16
CA ARG A 376 9.21 -7.46 25.48
C ARG A 376 9.95 -8.49 26.33
N PHE A 377 11.08 -8.06 26.90
CA PHE A 377 11.85 -8.88 27.84
C PHE A 377 11.74 -8.24 29.21
N ALA A 378 11.18 -8.98 30.17
CA ALA A 378 11.04 -8.50 31.53
C ALA A 378 11.55 -9.56 32.51
N THR A 379 12.14 -9.09 33.60
CA THR A 379 12.63 -9.95 34.66
C THR A 379 11.62 -9.98 35.80
N VAL A 380 11.38 -11.17 36.34
CA VAL A 380 10.29 -11.40 37.30
C VAL A 380 10.87 -12.08 38.53
N GLY A 381 10.55 -11.54 39.70
CA GLY A 381 10.91 -12.16 40.96
C GLY A 381 12.34 -11.87 41.37
N GLY A 382 12.64 -12.22 42.62
CA GLY A 382 13.98 -12.09 43.16
C GLY A 382 14.59 -10.72 42.97
N THR A 383 15.91 -10.67 42.86
CA THR A 383 16.62 -9.41 42.68
C THR A 383 16.79 -9.11 41.20
N PRO A 384 16.31 -7.98 40.70
CA PRO A 384 16.56 -7.65 39.30
C PRO A 384 18.05 -7.54 39.02
N PRO A 385 18.49 -7.98 37.85
CA PRO A 385 19.93 -7.92 37.56
C PRO A 385 20.45 -6.49 37.55
N THR A 386 21.69 -6.34 37.99
CA THR A 386 22.37 -5.05 38.00
C THR A 386 22.58 -4.49 36.60
N TYR A 387 22.46 -5.32 35.56
CA TYR A 387 22.48 -4.83 34.19
C TYR A 387 21.79 -5.86 33.31
N PHE A 388 21.18 -5.38 32.23
CA PHE A 388 20.46 -6.24 31.30
C PHE A 388 20.92 -5.97 29.88
N ASP A 389 20.86 -7.01 29.05
CA ASP A 389 21.28 -6.92 27.66
C ASP A 389 20.44 -7.90 26.84
N ALA A 390 19.74 -7.38 25.84
CA ALA A 390 18.92 -8.22 24.97
C ALA A 390 19.02 -7.70 23.54
N LEU A 391 19.68 -8.47 22.68
CA LEU A 391 19.84 -8.10 21.28
C LEU A 391 18.66 -8.65 20.49
N LEU A 392 18.14 -7.83 19.58
CA LEU A 392 17.06 -8.21 18.68
C LEU A 392 17.60 -8.20 17.25
N PHE A 393 17.49 -9.34 16.57
CA PHE A 393 18.01 -9.48 15.23
C PHE A 393 17.20 -10.52 14.47
N VAL A 394 17.11 -10.34 13.16
CA VAL A 394 16.33 -11.25 12.31
C VAL A 394 17.26 -12.39 11.88
N GLY A 395 17.30 -13.45 12.68
CA GLY A 395 18.06 -14.62 12.30
C GLY A 395 17.49 -15.27 11.05
N LEU A 396 18.38 -15.89 10.29
CA LEU A 396 18.01 -16.49 9.00
C LEU A 396 18.39 -17.96 9.03
N SER A 397 17.41 -18.82 8.77
CA SER A 397 17.64 -20.26 8.73
C SER A 397 18.53 -20.62 7.54
N GLY A 398 19.43 -21.57 7.75
CA GLY A 398 20.27 -22.07 6.68
C GLY A 398 21.52 -21.24 6.45
N SER A 399 21.40 -19.92 6.62
CA SER A 399 22.52 -19.00 6.39
C SER A 399 23.10 -18.42 7.67
N GLY A 400 22.32 -18.35 8.74
CA GLY A 400 22.81 -17.78 9.98
C GLY A 400 22.99 -16.27 9.96
N VAL A 401 22.11 -15.54 9.28
CA VAL A 401 22.21 -14.09 9.21
C VAL A 401 21.43 -13.46 10.36
N GLU A 402 22.12 -13.19 11.47
CA GLU A 402 21.52 -12.50 12.61
C GLU A 402 21.68 -11.00 12.39
N ASN A 403 20.77 -10.44 11.58
CA ASN A 403 20.82 -9.03 11.24
C ASN A 403 20.55 -8.20 12.49
N PHE A 404 21.59 -7.57 13.02
CA PHE A 404 21.47 -6.77 14.23
C PHE A 404 20.50 -5.63 13.99
N LEU A 405 19.37 -5.65 14.69
CA LEU A 405 18.35 -4.61 14.56
C LEU A 405 18.43 -3.61 15.71
N THR A 406 18.28 -4.09 16.95
CA THR A 406 18.27 -3.22 18.11
C THR A 406 18.68 -4.02 19.33
N ARG A 407 19.11 -3.30 20.37
CA ARG A 407 19.61 -3.91 21.60
C ARG A 407 18.88 -3.28 22.77
N SER A 408 18.26 -4.12 23.60
CA SER A 408 17.52 -3.66 24.77
C SER A 408 18.39 -3.85 26.01
N GLN A 409 18.63 -2.76 26.74
CA GLN A 409 19.50 -2.78 27.88
C GLN A 409 18.86 -1.99 29.01
N SER A 410 19.14 -2.39 30.25
CA SER A 410 18.63 -1.68 31.41
C SER A 410 19.24 -2.29 32.67
N VAL A 411 19.31 -1.47 33.72
CA VAL A 411 19.75 -1.91 35.04
C VAL A 411 18.58 -2.28 35.94
N TYR A 412 17.35 -1.94 35.55
CA TYR A 412 16.15 -2.33 36.28
C TYR A 412 15.17 -2.95 35.29
N PRO A 413 15.47 -4.16 34.81
CA PRO A 413 14.58 -4.81 33.83
C PRO A 413 13.43 -5.56 34.46
N SER A 414 13.09 -5.25 35.70
CA SER A 414 12.01 -5.94 36.39
C SER A 414 10.63 -5.50 35.93
N PHE A 415 10.53 -4.71 34.85
CA PHE A 415 9.25 -4.23 34.37
C PHE A 415 9.08 -4.36 32.86
N GLY A 416 10.13 -4.73 32.13
CA GLY A 416 10.01 -4.99 30.70
C GLY A 416 10.40 -3.84 29.81
N TYR A 417 11.04 -4.15 28.68
CA TYR A 417 11.40 -3.15 27.69
C TYR A 417 11.05 -3.73 26.32
N THR A 418 10.21 -3.01 25.58
CA THR A 418 9.79 -3.45 24.24
C THR A 418 10.46 -2.56 23.21
N LEU A 419 11.63 -2.97 22.74
CA LEU A 419 12.35 -2.26 21.68
C LEU A 419 11.88 -2.81 20.34
N SER A 420 10.70 -2.37 19.92
CA SER A 420 10.16 -2.77 18.63
C SER A 420 10.91 -2.05 17.52
N TRP A 421 11.11 -2.75 16.41
CA TRP A 421 11.91 -2.23 15.30
C TRP A 421 11.11 -2.30 14.01
N VAL A 422 11.40 -1.36 13.12
CA VAL A 422 10.78 -1.30 11.80
C VAL A 422 11.81 -0.84 10.79
N GLY A 423 11.78 -1.44 9.60
CA GLY A 423 12.68 -1.04 8.53
C GLY A 423 12.41 -1.89 7.31
N ILE A 424 13.28 -1.71 6.32
CA ILE A 424 13.13 -2.36 5.01
C ILE A 424 14.17 -3.46 4.89
N LEU A 425 13.72 -4.67 4.58
CA LEU A 425 14.58 -5.82 4.37
C LEU A 425 14.27 -6.45 3.03
N THR A 426 15.32 -6.99 2.39
CA THR A 426 15.21 -7.70 1.13
C THR A 426 15.39 -9.19 1.39
N PHE A 427 14.69 -10.03 0.64
CA PHE A 427 14.78 -11.47 0.79
C PHE A 427 14.64 -12.14 -0.57
N ASN A 428 15.34 -13.25 -0.75
CA ASN A 428 15.23 -14.04 -1.97
C ASN A 428 14.16 -15.10 -1.80
N THR A 429 13.58 -15.49 -2.93
CA THR A 429 12.47 -16.45 -2.91
C THR A 429 12.90 -17.74 -2.24
N GLY A 430 12.02 -18.28 -1.39
CA GLY A 430 12.24 -19.56 -0.76
C GLY A 430 13.04 -19.52 0.51
N GLN A 431 13.63 -18.38 0.86
CA GLN A 431 14.39 -18.29 2.10
C GLN A 431 13.47 -18.54 3.28
N ASN A 432 13.90 -19.39 4.20
CA ASN A 432 13.20 -19.61 5.46
C ASN A 432 13.77 -18.64 6.49
N VAL A 433 12.91 -17.80 7.05
CA VAL A 433 13.33 -16.73 7.94
C VAL A 433 12.63 -16.89 9.29
N PHE A 434 13.40 -16.72 10.35
CA PHE A 434 12.88 -16.68 11.71
C PHE A 434 13.42 -15.41 12.38
N LEU A 435 13.14 -15.27 13.67
CA LEU A 435 13.68 -14.19 14.47
C LEU A 435 14.42 -14.79 15.66
N ASN A 436 15.64 -14.33 15.88
CA ASN A 436 16.44 -14.80 16.99
C ASN A 436 16.83 -13.62 17.88
N TYR A 437 16.85 -13.88 19.18
CA TYR A 437 17.21 -12.87 20.16
C TYR A 437 18.20 -13.47 21.14
N GLN A 438 19.25 -12.71 21.43
CA GLN A 438 20.27 -13.08 22.41
C GLN A 438 20.13 -12.17 23.61
N VAL A 439 19.97 -12.78 24.80
CA VAL A 439 19.70 -12.06 26.03
C VAL A 439 20.82 -12.36 27.01
N ASN A 440 21.34 -11.31 27.63
CA ASN A 440 22.34 -11.44 28.68
C ASN A 440 22.02 -10.46 29.80
N ALA A 441 22.05 -10.96 31.03
CA ALA A 441 21.78 -10.16 32.21
C ALA A 441 22.91 -10.33 33.19
N VAL A 442 23.16 -9.29 33.99
CA VAL A 442 24.26 -9.28 34.94
C VAL A 442 23.71 -8.91 36.31
N GLY A 443 24.10 -9.66 37.33
CA GLY A 443 23.64 -9.41 38.68
C GLY A 443 22.27 -10.00 38.93
N GLY A 444 21.69 -9.61 40.07
CA GLY A 444 20.39 -10.09 40.47
C GLY A 444 20.45 -11.52 40.98
N GLY A 445 19.28 -12.00 41.39
CA GLY A 445 19.18 -13.36 41.90
C GLY A 445 17.75 -13.83 42.06
N SER A 446 17.53 -15.13 41.86
CA SER A 446 16.21 -15.74 42.03
C SER A 446 15.14 -15.01 41.22
N TYR A 447 15.49 -14.64 39.99
CA TYR A 447 14.59 -13.92 39.11
C TYR A 447 14.36 -14.73 37.84
N SER A 448 13.11 -14.75 37.39
CA SER A 448 12.71 -15.42 36.16
C SER A 448 12.37 -14.37 35.12
N VAL A 449 12.91 -14.56 33.91
CA VAL A 449 12.78 -13.60 32.82
C VAL A 449 11.68 -14.06 31.89
N VAL A 450 10.81 -13.13 31.51
CA VAL A 450 9.61 -13.44 30.75
C VAL A 450 9.63 -12.70 29.43
N LEU A 451 9.32 -13.41 28.35
CA LEU A 451 9.13 -12.83 27.02
C LEU A 451 7.63 -12.82 26.72
N GLU A 452 7.10 -11.64 26.39
CA GLU A 452 5.66 -11.49 26.24
C GLU A 452 5.37 -10.56 25.07
N ASP A 453 4.18 -10.71 24.50
CA ASP A 453 3.65 -9.81 23.48
C ASP A 453 4.58 -9.77 22.27
N VAL A 454 4.80 -10.94 21.68
CA VAL A 454 5.67 -11.08 20.52
C VAL A 454 4.83 -10.94 19.26
N ARG A 455 4.99 -9.81 18.57
CA ARG A 455 4.38 -9.59 17.26
C ARG A 455 5.49 -9.61 16.22
N PHE A 456 5.31 -10.45 15.20
CA PHE A 456 6.26 -10.55 14.10
C PHE A 456 5.45 -10.50 12.81
N SER A 457 5.67 -9.47 12.00
CA SER A 457 4.90 -9.31 10.77
C SER A 457 5.67 -8.42 9.81
N GLY A 458 5.48 -8.67 8.52
CA GLY A 458 6.06 -7.82 7.49
C GLY A 458 5.08 -7.62 6.37
N ILE A 459 5.40 -6.67 5.49
CA ILE A 459 4.60 -6.36 4.32
C ILE A 459 5.53 -6.23 3.13
N GLN A 460 5.11 -6.79 1.98
CA GLN A 460 5.92 -6.74 0.79
C GLN A 460 5.88 -5.36 0.15
N LEU A 461 6.75 -4.47 0.57
CA LEU A 461 6.89 -3.20 -0.11
C LEU A 461 7.50 -3.41 -1.49
N GLY A 462 7.64 -2.33 -2.23
CA GLY A 462 8.23 -2.40 -3.55
C GLY A 462 9.69 -2.83 -3.52
N ASP B 245 -40.65 -14.18 -82.03
CA ASP B 245 -39.60 -14.55 -81.09
C ASP B 245 -38.88 -13.32 -80.55
N LEU B 246 -38.81 -13.21 -79.23
CA LEU B 246 -38.01 -12.18 -78.59
C LEU B 246 -36.55 -12.62 -78.51
N SER B 247 -35.63 -11.68 -78.67
CA SER B 247 -34.21 -12.04 -78.70
C SER B 247 -33.38 -11.22 -77.74
N TYR B 248 -32.90 -10.07 -78.19
CA TYR B 248 -32.05 -9.21 -77.35
C TYR B 248 -32.67 -8.88 -76.00
N VAL B 249 -33.98 -8.78 -75.94
CA VAL B 249 -34.65 -8.42 -74.70
C VAL B 249 -34.54 -9.52 -73.67
N ASN B 250 -34.54 -10.77 -74.10
CA ASN B 250 -34.39 -11.88 -73.18
C ASN B 250 -32.92 -12.10 -72.82
N THR B 251 -32.02 -11.73 -73.72
CA THR B 251 -30.60 -11.86 -73.41
C THR B 251 -30.18 -10.79 -72.41
N GLN B 252 -30.83 -9.63 -72.46
CA GLN B 252 -30.51 -8.58 -71.50
C GLN B 252 -31.22 -8.89 -70.20
N LEU B 253 -32.34 -9.60 -70.28
CA LEU B 253 -33.02 -10.01 -69.07
C LEU B 253 -32.05 -10.92 -68.35
N SER B 254 -31.53 -11.90 -69.07
CA SER B 254 -30.57 -12.84 -68.48
C SER B 254 -29.29 -12.15 -68.02
N ALA B 255 -28.85 -11.12 -68.74
CA ALA B 255 -27.65 -10.39 -68.34
C ALA B 255 -27.90 -9.71 -67.01
N ASP B 256 -29.06 -9.08 -66.86
CA ASP B 256 -29.40 -8.45 -65.60
C ASP B 256 -29.35 -9.47 -64.47
N GLN B 257 -29.87 -10.67 -64.71
CA GLN B 257 -29.85 -11.72 -63.70
C GLN B 257 -28.43 -12.03 -63.22
N VAL B 258 -27.48 -12.10 -64.16
CA VAL B 258 -26.10 -12.35 -63.79
C VAL B 258 -25.56 -11.25 -62.87
N VAL B 259 -25.71 -10.00 -63.27
CA VAL B 259 -25.23 -8.89 -62.45
C VAL B 259 -25.94 -8.87 -61.10
N LEU B 260 -27.23 -9.18 -61.08
CA LEU B 260 -27.97 -9.23 -59.83
C LEU B 260 -27.40 -10.27 -58.88
N ASP B 261 -27.09 -11.45 -59.42
CA ASP B 261 -26.51 -12.52 -58.60
C ASP B 261 -25.13 -12.11 -58.08
N ALA B 262 -24.35 -11.44 -58.92
CA ALA B 262 -23.02 -11.01 -58.51
C ALA B 262 -23.13 -9.94 -57.45
N LEU B 263 -24.16 -9.09 -57.54
CA LEU B 263 -24.38 -8.07 -56.55
C LEU B 263 -24.58 -8.70 -55.19
N SER B 264 -25.46 -9.70 -55.11
CA SER B 264 -25.70 -10.37 -53.84
C SER B 264 -24.44 -11.04 -53.31
N SER B 265 -23.69 -11.67 -54.20
CA SER B 265 -22.47 -12.37 -53.79
C SER B 265 -21.42 -11.44 -53.17
N GLY B 266 -21.25 -10.26 -53.74
CA GLY B 266 -20.26 -9.33 -53.22
C GLY B 266 -20.85 -8.28 -52.30
N LYS B 267 -21.45 -8.71 -51.20
CA LYS B 267 -22.12 -7.78 -50.30
C LYS B 267 -22.04 -8.19 -48.84
N ALA B 268 -22.78 -7.50 -47.97
CA ALA B 268 -22.80 -7.80 -46.55
C ALA B 268 -24.22 -8.16 -46.11
N ASP B 269 -24.40 -9.36 -45.58
CA ASP B 269 -25.74 -9.80 -45.18
C ASP B 269 -26.11 -9.40 -43.76
N LEU B 270 -27.40 -9.41 -43.45
CA LEU B 270 -27.85 -9.09 -42.11
C LEU B 270 -27.35 -10.14 -41.13
N SER B 271 -27.72 -11.40 -41.36
CA SER B 271 -27.32 -12.47 -40.46
C SER B 271 -25.83 -12.48 -40.21
N TYR B 272 -25.04 -12.38 -41.28
CA TYR B 272 -23.59 -12.36 -41.14
C TYR B 272 -23.16 -11.23 -40.23
N VAL B 273 -23.62 -10.01 -40.51
CA VAL B 273 -23.17 -8.88 -39.72
C VAL B 273 -23.61 -8.98 -38.26
N ASN B 274 -24.83 -9.45 -38.00
CA ASN B 274 -25.33 -9.52 -36.63
C ASN B 274 -24.44 -10.40 -35.77
N THR B 275 -24.08 -11.58 -36.29
CA THR B 275 -23.23 -12.49 -35.54
C THR B 275 -21.91 -11.83 -35.17
N GLN B 276 -21.29 -11.17 -36.15
CA GLN B 276 -20.06 -10.45 -35.85
C GLN B 276 -20.27 -9.40 -34.77
N LEU B 277 -21.40 -8.68 -34.83
CA LEU B 277 -21.60 -7.53 -33.95
C LEU B 277 -21.93 -7.94 -32.52
N ASN B 278 -22.62 -9.06 -32.31
CA ASN B 278 -23.16 -9.37 -30.98
C ASN B 278 -22.33 -10.40 -30.24
N SER B 279 -22.15 -11.60 -30.78
CA SER B 279 -21.39 -12.61 -30.06
C SER B 279 -19.89 -12.47 -30.26
N LYS B 280 -19.46 -11.80 -31.34
CA LYS B 280 -18.05 -11.66 -31.68
C LYS B 280 -17.64 -10.20 -31.86
N ALA B 281 -18.12 -9.30 -31.00
CA ALA B 281 -17.68 -7.91 -31.03
C ALA B 281 -18.02 -7.26 -29.70
N ASN B 282 -17.44 -6.09 -29.47
CA ASN B 282 -17.63 -5.34 -28.23
C ASN B 282 -18.51 -4.09 -28.40
N LEU B 283 -19.43 -3.89 -27.46
CA LEU B 283 -20.32 -2.75 -27.52
C LEU B 283 -19.81 -1.62 -26.62
N ASN B 284 -20.64 -0.60 -26.45
CA ASN B 284 -20.41 0.41 -25.43
C ASN B 284 -21.31 0.15 -24.24
N GLY B 285 -20.71 0.13 -23.05
CA GLY B 285 -21.35 -0.52 -21.93
C GLY B 285 -21.25 -2.03 -22.03
N ALA B 286 -20.17 -2.52 -22.66
CA ALA B 286 -20.00 -3.94 -22.89
C ALA B 286 -19.60 -4.66 -21.62
N VAL B 287 -19.68 -5.99 -21.66
CA VAL B 287 -19.38 -6.82 -20.51
C VAL B 287 -18.04 -7.54 -20.62
N LEU B 288 -17.47 -7.64 -21.81
CA LEU B 288 -16.09 -8.10 -22.04
C LEU B 288 -15.72 -9.48 -21.51
N VAL B 289 -14.51 -9.93 -21.83
CA VAL B 289 -13.88 -11.09 -21.22
C VAL B 289 -12.47 -10.70 -20.82
N ASN B 290 -11.72 -11.68 -20.31
CA ASN B 290 -10.34 -11.42 -19.88
C ASN B 290 -9.40 -11.10 -21.04
N ALA B 291 -9.41 -9.84 -21.43
CA ALA B 291 -8.63 -9.33 -22.55
C ALA B 291 -7.41 -8.59 -22.02
N THR B 292 -6.66 -7.99 -22.95
CA THR B 292 -5.40 -7.34 -22.60
C THR B 292 -5.27 -6.04 -23.38
N THR B 293 -4.39 -5.17 -22.87
CA THR B 293 -4.17 -3.85 -23.45
C THR B 293 -2.72 -3.48 -23.25
N ALA B 294 -2.41 -2.20 -23.44
CA ALA B 294 -1.06 -1.71 -23.24
C ALA B 294 -0.90 -1.18 -21.82
N THR B 295 0.29 -1.38 -21.26
CA THR B 295 0.57 -0.92 -19.91
C THR B 295 0.85 0.58 -19.91
N PRO B 296 0.09 1.38 -19.16
CA PRO B 296 0.37 2.81 -19.12
C PRO B 296 1.55 3.10 -18.20
N PRO B 297 2.25 4.21 -18.42
CA PRO B 297 3.35 4.58 -17.52
C PRO B 297 2.83 5.00 -16.16
N ILE B 298 3.65 4.73 -15.14
CA ILE B 298 3.26 5.06 -13.77
C ILE B 298 3.05 6.55 -13.62
N SER B 299 3.86 7.35 -14.31
CA SER B 299 3.79 8.80 -14.19
C SER B 299 2.42 9.37 -14.56
N ASP B 300 1.64 8.66 -15.37
CA ASP B 300 0.39 9.21 -15.87
C ASP B 300 -0.65 9.28 -14.76
N ASN B 301 -1.60 10.19 -14.93
CA ASN B 301 -2.77 10.29 -14.07
C ASN B 301 -4.06 10.40 -14.87
N ASP B 302 -4.00 10.19 -16.18
CA ASP B 302 -5.19 10.27 -17.00
C ASP B 302 -6.14 9.13 -16.66
N THR B 303 -7.30 9.13 -17.33
CA THR B 303 -8.32 8.12 -17.10
C THR B 303 -8.12 6.89 -17.99
N SER B 304 -6.90 6.66 -18.47
CA SER B 304 -6.62 5.46 -19.23
C SER B 304 -6.73 4.23 -18.33
N LEU B 305 -6.91 3.08 -18.96
CA LEU B 305 -7.16 1.85 -18.23
C LEU B 305 -5.87 1.35 -17.59
N ALA B 306 -5.99 0.80 -16.39
CA ALA B 306 -4.84 0.30 -15.65
C ALA B 306 -4.76 -1.22 -15.74
N THR B 307 -3.55 -1.73 -15.94
CA THR B 307 -3.34 -3.17 -15.98
C THR B 307 -2.79 -3.66 -14.64
N THR B 308 -2.93 -4.96 -14.41
CA THR B 308 -2.42 -5.55 -13.18
C THR B 308 -0.93 -5.21 -12.99
N GLN B 309 -0.16 -5.24 -14.08
CA GLN B 309 1.22 -4.81 -14.00
C GLN B 309 1.31 -3.36 -13.52
N HIS B 310 0.42 -2.50 -14.03
CA HIS B 310 0.44 -1.12 -13.59
C HIS B 310 0.13 -1.00 -12.10
N VAL B 311 -0.82 -1.79 -11.62
CA VAL B 311 -1.13 -1.77 -10.19
C VAL B 311 0.09 -2.20 -9.38
N ARG B 312 0.73 -3.29 -9.79
CA ARG B 312 1.94 -3.73 -9.10
C ARG B 312 2.98 -2.62 -9.07
N SER B 313 3.26 -2.03 -10.24
CA SER B 313 4.30 -1.02 -10.33
C SER B 313 3.98 0.18 -9.45
N PHE B 314 2.72 0.63 -9.46
CA PHE B 314 2.37 1.82 -8.72
C PHE B 314 2.39 1.56 -7.21
N ASN B 315 1.85 0.44 -6.78
CA ASN B 315 1.87 0.13 -5.35
C ASN B 315 3.29 -0.08 -4.84
N HIS B 316 4.14 -0.70 -5.65
CA HIS B 316 5.54 -0.89 -5.25
C HIS B 316 6.33 0.42 -5.34
N SER B 317 5.88 1.36 -6.16
CA SER B 317 6.56 2.64 -6.28
C SER B 317 6.23 3.55 -5.10
N ARG B 318 5.36 3.13 -4.20
CA ARG B 318 4.91 3.98 -3.11
C ARG B 318 5.87 4.01 -1.93
N LEU B 319 7.13 3.60 -2.09
CA LEU B 319 8.14 3.79 -1.05
C LEU B 319 8.89 5.10 -1.27
N ALA B 320 9.51 5.24 -2.43
CA ALA B 320 10.11 6.46 -2.97
C ALA B 320 11.48 6.80 -2.37
N PHE B 321 11.90 6.18 -1.28
CA PHE B 321 13.31 6.23 -0.89
C PHE B 321 13.52 5.40 0.36
N ASN B 322 14.77 5.01 0.58
CA ASN B 322 15.19 4.29 1.77
C ASN B 322 16.70 4.41 1.90
N ALA B 323 17.15 5.06 2.97
CA ALA B 323 18.57 5.28 3.22
C ALA B 323 19.01 4.48 4.43
N PHE B 324 20.20 3.87 4.35
CA PHE B 324 20.75 3.06 5.42
C PHE B 324 22.22 3.36 5.59
N ARG B 325 22.64 3.52 6.85
CA ARG B 325 24.04 3.66 7.20
C ARG B 325 24.53 2.36 7.82
N GLY B 326 25.63 1.83 7.27
CA GLY B 326 26.29 0.67 7.83
C GLY B 326 27.55 1.09 8.57
N GLY B 327 27.74 0.52 9.75
CA GLY B 327 28.89 0.83 10.57
C GLY B 327 28.54 1.74 11.74
N GLN B 328 29.43 2.69 11.99
CA GLN B 328 29.29 3.62 13.11
C GLN B 328 29.68 5.02 12.68
N GLN B 329 29.24 6.00 13.46
CA GLN B 329 29.61 7.40 13.28
C GLN B 329 29.77 8.03 14.66
N GLY B 330 30.76 8.91 14.79
CA GLY B 330 30.98 9.58 16.07
C GLY B 330 30.14 10.84 16.20
N VAL B 331 29.76 11.15 17.42
CA VAL B 331 29.03 12.39 17.69
C VAL B 331 30.02 13.54 17.76
N PRO B 332 29.87 14.58 16.94
CA PRO B 332 30.89 15.64 16.90
C PRO B 332 30.94 16.47 18.17
N SER B 333 29.78 16.92 18.64
CA SER B 333 29.74 17.81 19.79
C SER B 333 28.52 17.47 20.64
N LEU B 334 28.72 17.38 21.95
CA LEU B 334 27.62 17.09 22.88
C LEU B 334 27.09 18.39 23.49
N SER B 335 26.69 19.30 22.60
CA SER B 335 26.22 20.62 22.99
C SER B 335 24.96 20.99 22.23
N TYR B 336 24.11 19.99 21.94
CA TYR B 336 22.89 20.20 21.18
C TYR B 336 23.19 20.84 19.82
N VAL B 337 24.38 20.60 19.30
CA VAL B 337 24.80 21.18 18.03
C VAL B 337 24.05 20.47 16.91
N THR B 338 23.40 21.24 16.04
CA THR B 338 22.69 20.67 14.91
C THR B 338 23.65 19.85 14.07
N THR B 339 23.48 18.53 14.08
CA THR B 339 24.38 17.61 13.39
C THR B 339 23.59 16.91 12.29
N THR B 340 24.09 16.99 11.06
CA THR B 340 23.46 16.34 9.93
C THR B 340 23.95 14.90 9.83
N ALA B 341 23.05 13.95 10.12
CA ALA B 341 23.40 12.55 10.02
C ALA B 341 23.78 12.21 8.59
N GLN B 342 24.77 11.34 8.45
CA GLN B 342 25.28 10.92 7.15
C GLN B 342 24.90 9.47 6.89
N PHE B 343 24.86 9.11 5.62
CA PHE B 343 24.39 7.79 5.19
C PHE B 343 25.38 7.19 4.20
N ASN B 344 25.45 5.86 4.21
CA ASN B 344 26.34 5.12 3.33
C ASN B 344 25.66 4.64 2.06
N SER B 345 24.40 4.22 2.13
CA SER B 345 23.69 3.67 0.99
C SER B 345 22.27 4.22 0.96
N SER B 346 21.73 4.35 -0.25
CA SER B 346 20.38 4.84 -0.41
C SER B 346 19.80 4.31 -1.72
N SER B 347 18.48 4.28 -1.78
CA SER B 347 17.77 3.84 -2.98
C SER B 347 16.48 4.64 -3.08
N VAL B 348 16.08 4.99 -4.30
CA VAL B 348 14.91 5.80 -4.53
C VAL B 348 14.13 5.24 -5.72
N ARG B 349 12.82 5.47 -5.71
CA ARG B 349 11.98 5.08 -6.83
C ARG B 349 12.33 5.89 -8.06
N SER B 350 12.16 5.29 -9.24
CA SER B 350 12.37 5.99 -10.49
C SER B 350 11.06 6.62 -10.96
N GLY B 351 11.18 7.60 -11.86
CA GLY B 351 10.04 8.19 -12.52
C GLY B 351 9.35 9.31 -11.77
N TRP B 352 9.93 9.81 -10.69
CA TRP B 352 9.33 10.88 -9.92
C TRP B 352 10.28 12.00 -9.52
N GLY B 353 11.59 11.85 -9.77
CA GLY B 353 12.56 12.85 -9.37
C GLY B 353 13.12 12.67 -7.98
N ASP B 354 12.62 11.70 -7.22
CA ASP B 354 13.15 11.45 -5.89
C ASP B 354 14.64 11.14 -5.97
N ASN B 355 15.41 11.72 -5.05
CA ASN B 355 16.84 11.49 -5.00
C ASN B 355 17.31 11.58 -3.55
N PHE B 356 18.32 10.77 -3.23
CA PHE B 356 18.92 10.77 -1.89
C PHE B 356 20.43 10.82 -2.09
N SER B 357 20.98 12.03 -2.16
CA SER B 357 22.40 12.25 -2.32
C SER B 357 22.87 13.24 -1.27
N SER B 358 24.17 13.19 -0.97
CA SER B 358 24.76 14.09 0.02
C SER B 358 24.06 13.98 1.36
N ASN B 359 23.46 12.82 1.63
CA ASN B 359 22.72 12.56 2.85
C ASN B 359 21.49 13.44 2.97
N ARG B 360 20.99 13.95 1.86
CA ARG B 360 19.76 14.74 1.82
C ARG B 360 18.80 14.13 0.81
N TRP B 361 17.54 14.06 1.18
CA TRP B 361 16.49 13.52 0.32
C TRP B 361 15.82 14.65 -0.44
N LEU B 362 15.60 14.43 -1.72
CA LEU B 362 14.87 15.36 -2.57
C LEU B 362 13.44 14.86 -2.73
N VAL B 363 12.48 15.78 -2.64
CA VAL B 363 11.08 15.42 -2.79
C VAL B 363 10.74 15.32 -4.27
N GLY B 364 10.77 14.10 -4.81
CA GLY B 364 10.45 13.92 -6.21
C GLY B 364 9.05 14.39 -6.54
N GLU B 365 8.08 14.05 -5.69
CA GLU B 365 6.69 14.45 -5.88
C GLU B 365 6.19 15.12 -4.61
N GLY B 366 5.81 16.38 -4.71
CA GLY B 366 5.27 17.09 -3.57
C GLY B 366 4.04 16.40 -3.03
N GLY B 367 3.99 16.19 -1.71
CA GLY B 367 2.84 15.53 -1.11
C GLY B 367 3.19 15.02 0.26
N THR B 368 2.23 14.29 0.84
CA THR B 368 2.38 13.70 2.16
C THR B 368 3.15 12.40 2.08
N TYR B 369 4.00 12.15 3.07
CA TYR B 369 4.80 10.94 3.15
C TYR B 369 4.84 10.45 4.58
N LEU B 370 5.04 9.15 4.75
CA LEU B 370 5.26 8.57 6.07
C LEU B 370 6.75 8.32 6.24
N ILE B 371 7.35 8.92 7.27
CA ILE B 371 8.79 8.87 7.49
C ILE B 371 9.07 8.09 8.76
N THR B 372 10.02 7.16 8.70
CA THR B 372 10.46 6.38 9.85
C THR B 372 11.97 6.50 9.98
N VAL B 373 12.43 6.75 11.21
CA VAL B 373 13.85 6.91 11.50
C VAL B 373 14.20 6.01 12.67
N THR B 374 15.31 5.30 12.57
CA THR B 374 15.80 4.44 13.65
C THR B 374 17.29 4.67 13.79
N THR B 375 17.68 5.37 14.85
CA THR B 375 19.07 5.70 15.12
C THR B 375 19.50 5.06 16.43
N ARG B 376 20.79 4.74 16.52
CA ARG B 376 21.36 4.12 17.71
C ARG B 376 22.58 4.91 18.17
N PHE B 377 22.52 5.39 19.41
CA PHE B 377 23.61 6.13 20.03
C PHE B 377 24.20 5.29 21.15
N ALA B 378 25.53 5.18 21.16
CA ALA B 378 26.24 4.42 22.19
C ALA B 378 27.49 5.18 22.60
N THR B 379 27.91 4.95 23.85
CA THR B 379 29.10 5.58 24.40
C THR B 379 30.26 4.59 24.33
N VAL B 380 31.36 5.03 23.72
CA VAL B 380 32.55 4.22 23.56
C VAL B 380 33.74 5.00 24.09
N GLY B 381 34.53 4.37 24.95
CA GLY B 381 35.68 5.00 25.53
C GLY B 381 35.32 5.91 26.69
N GLY B 382 36.34 6.25 27.48
CA GLY B 382 36.13 7.17 28.57
C GLY B 382 35.17 6.63 29.60
N THR B 383 34.54 7.57 30.32
CA THR B 383 33.53 7.23 31.31
C THR B 383 32.14 7.54 30.77
N PRO B 384 31.15 6.68 30.99
CA PRO B 384 29.80 7.00 30.49
C PRO B 384 29.29 8.28 31.13
N PRO B 385 28.58 9.12 30.36
CA PRO B 385 28.04 10.34 30.95
C PRO B 385 26.99 10.05 32.01
N THR B 386 26.92 10.93 33.01
CA THR B 386 25.83 10.92 33.96
C THR B 386 24.56 11.54 33.39
N TYR B 387 24.63 12.09 32.17
CA TYR B 387 23.48 12.66 31.50
C TYR B 387 23.71 12.53 30.00
N PHE B 388 22.80 11.84 29.32
CA PHE B 388 22.89 11.62 27.88
C PHE B 388 21.59 12.08 27.23
N ASP B 389 21.70 12.93 26.22
CA ASP B 389 20.54 13.53 25.57
C ASP B 389 20.73 13.50 24.07
N ALA B 390 19.72 13.04 23.34
CA ALA B 390 19.74 12.96 21.89
C ALA B 390 18.39 13.44 21.36
N LEU B 391 18.41 14.50 20.57
CA LEU B 391 17.19 15.06 19.98
C LEU B 391 17.19 14.76 18.48
N LEU B 392 16.04 14.30 17.98
CA LEU B 392 15.87 13.97 16.57
C LEU B 392 14.84 14.90 15.95
N PHE B 393 15.16 15.45 14.79
CA PHE B 393 14.26 16.37 14.10
C PHE B 393 14.51 16.28 12.61
N VAL B 394 13.51 16.72 11.84
CA VAL B 394 13.54 16.63 10.37
C VAL B 394 14.18 17.92 9.87
N GLY B 395 15.51 17.92 9.84
CA GLY B 395 16.24 19.06 9.31
C GLY B 395 15.95 19.32 7.85
N LEU B 396 15.61 20.56 7.52
CA LEU B 396 15.42 20.98 6.14
C LEU B 396 16.67 21.73 5.69
N SER B 397 17.16 21.40 4.50
CA SER B 397 18.43 21.94 4.05
C SER B 397 18.40 23.46 4.00
N GLY B 398 19.48 24.07 4.49
CA GLY B 398 19.60 25.51 4.53
C GLY B 398 18.90 26.18 5.70
N SER B 399 18.21 25.41 6.56
CA SER B 399 17.49 25.98 7.68
C SER B 399 17.75 25.28 9.01
N GLY B 400 18.13 24.01 9.00
CA GLY B 400 18.25 23.29 10.25
C GLY B 400 16.97 23.26 11.04
N VAL B 401 15.83 23.13 10.36
CA VAL B 401 14.53 23.18 11.01
C VAL B 401 14.49 22.15 12.14
N GLU B 402 13.98 22.57 13.30
CA GLU B 402 13.85 21.69 14.45
C GLU B 402 12.43 21.12 14.52
N ASN B 403 12.13 20.26 13.54
CA ASN B 403 10.87 19.52 13.53
C ASN B 403 10.99 18.39 14.54
N PHE B 404 10.95 18.75 15.82
CA PHE B 404 11.19 17.82 16.91
C PHE B 404 10.43 16.52 16.74
N LEU B 405 11.13 15.39 16.83
CA LEU B 405 10.53 14.07 16.65
C LEU B 405 10.65 13.22 17.92
N THR B 406 11.86 13.08 18.45
CA THR B 406 12.11 12.19 19.56
C THR B 406 13.26 12.72 20.41
N ARG B 407 13.18 12.49 21.72
CA ARG B 407 14.23 12.85 22.65
C ARG B 407 14.29 11.77 23.73
N SER B 408 15.17 10.80 23.55
CA SER B 408 15.40 9.76 24.53
C SER B 408 16.59 10.14 25.40
N GLN B 409 16.41 10.11 26.71
CA GLN B 409 17.43 10.52 27.67
C GLN B 409 17.53 9.48 28.77
N SER B 410 18.62 8.74 28.79
CA SER B 410 18.88 7.78 29.85
C SER B 410 20.37 7.83 30.19
N VAL B 411 20.70 7.51 31.43
CA VAL B 411 22.04 7.71 31.94
C VAL B 411 22.80 6.40 31.98
N TYR B 412 22.37 5.43 31.17
CA TYR B 412 23.09 4.16 31.03
C TYR B 412 23.46 3.91 29.56
N PRO B 413 24.13 4.88 28.92
CA PRO B 413 24.62 4.66 27.56
C PRO B 413 25.88 3.82 27.47
N SER B 414 26.26 3.14 28.56
CA SER B 414 27.48 2.36 28.58
C SER B 414 27.55 1.37 27.42
N PHE B 415 26.42 0.81 27.00
CA PHE B 415 26.38 -0.18 25.93
C PHE B 415 25.69 0.28 24.66
N GLY B 416 24.72 1.20 24.74
CA GLY B 416 24.09 1.72 23.55
C GLY B 416 22.58 1.83 23.63
N TYR B 417 22.02 2.90 23.09
CA TYR B 417 20.58 3.12 23.06
C TYR B 417 20.13 3.17 21.61
N THR B 418 18.99 2.57 21.32
CA THR B 418 18.40 2.63 19.99
C THR B 418 17.13 3.47 20.03
N LEU B 419 17.10 4.55 19.27
CA LEU B 419 15.95 5.43 19.17
C LEU B 419 15.27 5.20 17.82
N SER B 420 13.98 4.92 17.85
CA SER B 420 13.19 4.71 16.65
C SER B 420 11.96 5.61 16.71
N TRP B 421 11.52 6.09 15.55
CA TRP B 421 10.33 6.92 15.47
C TRP B 421 9.65 6.71 14.14
N VAL B 422 8.31 6.75 14.16
CA VAL B 422 7.48 6.65 12.97
C VAL B 422 6.42 7.73 13.05
N GLY B 423 6.13 8.38 11.93
CA GLY B 423 5.11 9.41 11.92
C GLY B 423 4.84 9.89 10.51
N ILE B 424 3.92 10.83 10.41
CA ILE B 424 3.44 11.35 9.14
C ILE B 424 3.95 12.78 8.98
N LEU B 425 4.43 13.10 7.78
CA LEU B 425 4.96 14.42 7.49
C LEU B 425 4.50 14.83 6.10
N THR B 426 4.57 16.15 5.85
CA THR B 426 4.21 16.71 4.55
C THR B 426 5.44 17.40 3.97
N PHE B 427 5.56 17.35 2.64
CA PHE B 427 6.67 17.99 1.96
C PHE B 427 6.22 18.41 0.58
N ASN B 428 7.02 19.26 -0.05
CA ASN B 428 6.73 19.80 -1.37
C ASN B 428 7.89 19.48 -2.30
N THR B 429 7.58 19.29 -3.58
CA THR B 429 8.62 18.97 -4.55
C THR B 429 9.69 20.05 -4.54
N GLY B 430 10.95 19.63 -4.51
CA GLY B 430 12.08 20.52 -4.48
C GLY B 430 12.63 20.80 -3.11
N GLN B 431 11.93 20.40 -2.05
CA GLN B 431 12.43 20.61 -0.71
C GLN B 431 13.52 19.59 -0.40
N ASN B 432 14.71 20.08 -0.06
CA ASN B 432 15.81 19.23 0.33
C ASN B 432 15.70 18.90 1.81
N VAL B 433 15.68 17.62 2.14
CA VAL B 433 15.45 17.14 3.49
C VAL B 433 16.58 16.20 3.87
N PHE B 434 17.26 16.49 4.97
CA PHE B 434 18.20 15.55 5.57
C PHE B 434 17.96 15.47 7.07
N LEU B 435 18.37 14.36 7.67
CA LEU B 435 18.13 14.11 9.08
C LEU B 435 19.17 14.83 9.92
N ASN B 436 18.76 15.93 10.55
CA ASN B 436 19.59 16.64 11.51
C ASN B 436 19.25 16.18 12.92
N TYR B 437 20.29 15.89 13.70
CA TYR B 437 20.11 15.41 15.06
C TYR B 437 21.00 16.22 16.00
N GLN B 438 20.43 16.64 17.13
CA GLN B 438 21.16 17.34 18.17
C GLN B 438 21.30 16.43 19.38
N VAL B 439 22.55 16.18 19.79
CA VAL B 439 22.86 15.26 20.87
C VAL B 439 23.67 16.02 21.91
N ASN B 440 23.27 15.90 23.17
CA ASN B 440 24.00 16.48 24.29
C ASN B 440 24.14 15.44 25.38
N ALA B 441 25.26 15.46 26.08
CA ALA B 441 25.50 14.53 27.17
C ALA B 441 26.50 15.14 28.13
N VAL B 442 26.27 14.95 29.43
CA VAL B 442 27.11 15.54 30.47
C VAL B 442 27.54 14.45 31.43
N GLY B 443 28.69 14.69 32.07
CA GLY B 443 29.28 13.73 32.97
C GLY B 443 30.25 12.79 32.26
N GLY B 444 30.99 12.03 33.06
CA GLY B 444 32.00 11.16 32.51
C GLY B 444 33.22 11.94 32.05
N GLY B 445 34.05 11.26 31.26
CA GLY B 445 35.26 11.89 30.75
C GLY B 445 35.95 11.11 29.65
N SER B 446 36.48 11.82 28.66
CA SER B 446 37.24 11.22 27.57
C SER B 446 36.47 10.10 26.89
N TYR B 447 35.16 10.27 26.78
CA TYR B 447 34.28 9.29 26.16
C TYR B 447 33.91 9.74 24.75
N SER B 448 33.33 8.82 23.98
CA SER B 448 32.96 9.07 22.60
C SER B 448 31.59 8.47 22.34
N VAL B 449 30.60 9.33 22.14
CA VAL B 449 29.27 8.89 21.73
C VAL B 449 29.27 8.66 20.22
N VAL B 450 28.84 7.47 19.80
CA VAL B 450 28.93 7.07 18.40
C VAL B 450 27.52 6.80 17.88
N LEU B 451 27.18 7.45 16.77
CA LEU B 451 25.94 7.19 16.05
C LEU B 451 26.18 6.07 15.04
N GLU B 452 25.28 5.09 15.04
CA GLU B 452 25.52 3.88 14.27
C GLU B 452 24.20 3.30 13.79
N ASP B 453 24.27 2.55 12.69
CA ASP B 453 23.14 1.77 12.18
C ASP B 453 21.93 2.66 11.97
N VAL B 454 22.17 3.84 11.41
CA VAL B 454 21.10 4.79 11.15
C VAL B 454 20.28 4.33 9.96
N ARG B 455 18.96 4.39 10.09
CA ARG B 455 18.04 4.13 8.99
C ARG B 455 17.09 5.32 8.87
N PHE B 456 16.97 5.84 7.64
CA PHE B 456 16.09 6.96 7.37
C PHE B 456 15.31 6.63 6.10
N SER B 457 14.10 6.09 6.28
CA SER B 457 13.27 5.63 5.18
C SER B 457 11.93 6.35 5.20
N GLY B 458 11.47 6.76 4.04
CA GLY B 458 10.17 7.40 3.91
C GLY B 458 9.30 6.68 2.90
N ILE B 459 8.07 6.36 3.29
CA ILE B 459 7.12 5.69 2.42
C ILE B 459 5.97 6.66 2.18
N GLN B 460 5.61 6.87 0.91
CA GLN B 460 4.66 7.91 0.53
C GLN B 460 3.24 7.47 0.88
N LEU B 461 2.51 8.37 1.51
CA LEU B 461 1.07 8.24 1.72
C LEU B 461 0.40 9.51 1.22
N GLY B 462 -0.47 9.37 0.22
CA GLY B 462 -1.08 10.53 -0.39
C GLY B 462 -0.08 11.35 -1.17
N ASP C 245 -45.58 -7.94 -74.69
CA ASP C 245 -45.03 -7.62 -76.00
C ASP C 245 -43.55 -7.28 -75.90
N LEU C 246 -42.96 -6.83 -77.01
CA LEU C 246 -41.56 -6.47 -77.02
C LEU C 246 -41.27 -5.33 -76.05
N SER C 247 -42.01 -4.24 -76.19
CA SER C 247 -41.78 -3.07 -75.34
C SER C 247 -42.03 -3.40 -73.89
N TYR C 248 -42.93 -4.35 -73.65
CA TYR C 248 -43.21 -4.75 -72.29
C TYR C 248 -41.95 -5.29 -71.64
N VAL C 249 -41.31 -6.27 -72.28
CA VAL C 249 -40.08 -6.84 -71.74
C VAL C 249 -39.10 -5.74 -71.36
N ASN C 250 -38.86 -4.81 -72.28
CA ASN C 250 -37.98 -3.69 -71.99
C ASN C 250 -38.34 -3.01 -70.68
N THR C 251 -39.58 -2.55 -70.55
CA THR C 251 -39.98 -1.84 -69.35
C THR C 251 -39.80 -2.61 -68.04
N GLN C 252 -40.26 -3.85 -67.96
CA GLN C 252 -40.16 -4.56 -66.69
C GLN C 252 -38.71 -4.87 -66.35
N LEU C 253 -37.92 -5.23 -67.35
CA LEU C 253 -36.52 -5.55 -67.12
C LEU C 253 -35.75 -4.30 -66.68
N SER C 254 -36.07 -3.15 -67.26
CA SER C 254 -35.40 -1.92 -66.85
C SER C 254 -35.80 -1.55 -65.43
N ALA C 255 -37.03 -1.86 -65.05
CA ALA C 255 -37.48 -1.57 -63.70
C ALA C 255 -36.64 -2.30 -62.66
N ASP C 256 -36.43 -3.60 -62.85
CA ASP C 256 -35.66 -4.37 -61.88
C ASP C 256 -34.17 -4.05 -61.97
N GLN C 257 -33.73 -3.53 -63.12
CA GLN C 257 -32.34 -3.12 -63.23
C GLN C 257 -32.16 -1.91 -62.33
N VAL C 258 -33.13 -1.01 -62.30
CA VAL C 258 -33.06 0.15 -61.42
C VAL C 258 -32.97 -0.32 -59.96
N VAL C 259 -33.78 -1.31 -59.58
CA VAL C 259 -33.70 -1.84 -58.23
C VAL C 259 -32.33 -2.42 -57.93
N LEU C 260 -31.73 -3.12 -58.88
CA LEU C 260 -30.38 -3.65 -58.69
C LEU C 260 -29.36 -2.54 -58.41
N ASP C 261 -29.50 -1.42 -59.12
CA ASP C 261 -28.58 -0.30 -58.90
C ASP C 261 -28.84 0.38 -57.57
N ALA C 262 -30.09 0.38 -57.13
CA ALA C 262 -30.41 0.97 -55.84
C ALA C 262 -29.87 0.09 -54.74
N LEU C 263 -29.90 -1.22 -54.95
CA LEU C 263 -29.36 -2.14 -53.96
C LEU C 263 -27.87 -1.91 -53.87
N SER C 264 -27.20 -1.77 -55.00
CA SER C 264 -25.76 -1.50 -55.02
C SER C 264 -25.38 -0.37 -54.09
N SER C 265 -26.03 0.77 -54.22
CA SER C 265 -25.70 1.92 -53.39
C SER C 265 -26.11 1.70 -51.95
N GLY C 266 -27.34 1.24 -51.73
CA GLY C 266 -27.84 1.08 -50.38
C GLY C 266 -27.18 0.03 -49.52
N LYS C 267 -26.41 -0.89 -50.12
CA LYS C 267 -25.82 -1.97 -49.32
C LYS C 267 -24.34 -1.78 -49.08
N ALA C 268 -23.76 -2.65 -48.25
CA ALA C 268 -22.34 -2.52 -47.92
C ALA C 268 -21.48 -3.56 -48.62
N ASP C 269 -20.24 -3.19 -48.94
CA ASP C 269 -19.34 -4.11 -49.61
C ASP C 269 -18.65 -5.03 -48.60
N LEU C 270 -18.37 -6.25 -49.04
CA LEU C 270 -17.59 -7.19 -48.24
C LEU C 270 -16.35 -6.51 -47.67
N SER C 271 -15.51 -5.97 -48.54
CA SER C 271 -14.24 -5.40 -48.10
C SER C 271 -14.45 -4.21 -47.17
N TYR C 272 -15.39 -3.33 -47.51
CA TYR C 272 -15.65 -2.18 -46.66
C TYR C 272 -16.08 -2.59 -45.26
N VAL C 273 -17.03 -3.52 -45.18
CA VAL C 273 -17.51 -3.98 -43.88
C VAL C 273 -16.39 -4.63 -43.10
N ASN C 274 -15.58 -5.46 -43.77
CA ASN C 274 -14.47 -6.11 -43.07
C ASN C 274 -13.49 -5.08 -42.55
N THR C 275 -13.22 -4.03 -43.33
CA THR C 275 -12.32 -2.98 -42.86
C THR C 275 -12.89 -2.30 -41.63
N GLN C 276 -14.18 -1.94 -41.67
CA GLN C 276 -14.79 -1.29 -40.53
C GLN C 276 -14.70 -2.19 -39.29
N LEU C 277 -14.99 -3.48 -39.45
CA LEU C 277 -14.91 -4.39 -38.33
C LEU C 277 -13.49 -4.47 -37.77
N ASN C 278 -12.49 -4.57 -38.64
CA ASN C 278 -11.12 -4.56 -38.19
C ASN C 278 -10.80 -3.27 -37.44
N SER C 279 -11.50 -2.19 -37.78
CA SER C 279 -11.32 -0.94 -37.06
C SER C 279 -11.69 -1.09 -35.59
N LYS C 280 -12.73 -1.87 -35.31
CA LYS C 280 -13.18 -2.07 -33.94
C LYS C 280 -12.36 -3.17 -33.27
N ALA C 281 -12.80 -3.59 -32.09
CA ALA C 281 -12.10 -4.59 -31.30
C ALA C 281 -12.93 -5.87 -31.22
N ASN C 282 -12.26 -7.00 -31.37
CA ASN C 282 -12.91 -8.28 -31.14
C ASN C 282 -13.34 -8.39 -29.68
N LEU C 283 -14.46 -9.06 -29.44
CA LEU C 283 -14.96 -9.19 -28.08
C LEU C 283 -13.96 -9.91 -27.19
N ASN C 284 -13.36 -10.98 -27.68
CA ASN C 284 -12.37 -11.76 -26.93
C ASN C 284 -10.98 -11.36 -27.37
N GLY C 285 -10.03 -11.40 -26.44
CA GLY C 285 -8.67 -11.02 -26.75
C GLY C 285 -8.55 -9.62 -27.31
N ALA C 286 -9.45 -8.72 -26.90
CA ALA C 286 -9.42 -7.36 -27.42
C ALA C 286 -8.12 -6.67 -27.06
N VAL C 287 -7.53 -5.98 -28.04
CA VAL C 287 -6.37 -5.13 -27.81
C VAL C 287 -6.71 -3.74 -28.33
N LEU C 288 -6.18 -2.73 -27.65
CA LEU C 288 -6.56 -1.35 -27.92
C LEU C 288 -5.39 -0.46 -27.53
N VAL C 289 -5.56 0.83 -27.77
CA VAL C 289 -4.53 1.82 -27.47
C VAL C 289 -5.22 3.14 -27.14
N ASN C 290 -4.72 3.82 -26.12
CA ASN C 290 -5.29 5.08 -25.67
C ASN C 290 -6.80 4.95 -25.47
N ALA C 291 -7.17 4.03 -24.58
CA ALA C 291 -8.55 3.77 -24.23
C ALA C 291 -8.79 4.23 -22.80
N THR C 292 -9.93 4.89 -22.58
CA THR C 292 -10.19 5.51 -21.29
C THR C 292 -11.68 5.55 -21.02
N THR C 293 -12.02 5.57 -19.73
CA THR C 293 -13.39 5.67 -19.25
C THR C 293 -13.44 6.78 -18.20
N ALA C 294 -14.59 6.87 -17.52
CA ALA C 294 -14.70 7.75 -16.36
C ALA C 294 -14.38 6.95 -15.10
N THR C 295 -13.51 7.48 -14.27
CA THR C 295 -13.06 6.75 -13.08
C THR C 295 -14.26 6.41 -12.20
N PRO C 296 -14.44 5.15 -11.83
CA PRO C 296 -15.53 4.80 -10.91
C PRO C 296 -15.21 5.28 -9.51
N PRO C 297 -16.22 5.37 -8.64
CA PRO C 297 -15.95 5.84 -7.28
C PRO C 297 -14.96 4.95 -6.56
N ILE C 298 -14.16 5.57 -5.69
CA ILE C 298 -13.10 4.83 -5.00
C ILE C 298 -13.68 3.67 -4.21
N SER C 299 -14.84 3.85 -3.58
CA SER C 299 -15.50 2.78 -2.86
C SER C 299 -16.02 1.69 -3.77
N ASP C 300 -16.01 1.90 -5.08
CA ASP C 300 -16.56 0.92 -6.01
C ASP C 300 -15.94 -0.44 -5.77
N ASN C 301 -16.79 -1.46 -5.67
CA ASN C 301 -16.37 -2.85 -5.51
C ASN C 301 -17.19 -3.67 -6.50
N ASP C 302 -16.68 -3.78 -7.73
CA ASP C 302 -17.36 -4.55 -8.76
C ASP C 302 -16.31 -5.01 -9.78
N THR C 303 -16.78 -5.57 -10.88
CA THR C 303 -15.91 -6.04 -11.94
C THR C 303 -15.61 -4.97 -12.98
N SER C 304 -16.03 -3.73 -12.72
CA SER C 304 -15.75 -2.64 -13.63
C SER C 304 -14.26 -2.30 -13.62
N LEU C 305 -13.80 -1.73 -14.73
CA LEU C 305 -12.39 -1.39 -14.88
C LEU C 305 -12.02 -0.26 -13.93
N ALA C 306 -10.75 -0.23 -13.53
CA ALA C 306 -10.19 0.88 -12.77
C ALA C 306 -9.20 1.63 -13.65
N THR C 307 -9.27 2.96 -13.60
CA THR C 307 -8.33 3.78 -14.36
C THR C 307 -7.12 4.11 -13.50
N THR C 308 -6.05 4.55 -14.16
CA THR C 308 -4.85 4.93 -13.44
C THR C 308 -5.18 5.92 -12.32
N GLN C 309 -6.04 6.89 -12.61
CA GLN C 309 -6.51 7.79 -11.57
C GLN C 309 -7.15 7.01 -10.41
N HIS C 310 -7.88 5.95 -10.74
CA HIS C 310 -8.56 5.20 -9.70
C HIS C 310 -7.57 4.54 -8.75
N VAL C 311 -6.54 3.89 -9.29
CA VAL C 311 -5.54 3.26 -8.44
C VAL C 311 -4.77 4.32 -7.66
N ARG C 312 -4.45 5.44 -8.30
CA ARG C 312 -3.81 6.54 -7.59
C ARG C 312 -4.62 6.93 -6.37
N SER C 313 -5.93 7.15 -6.56
CA SER C 313 -6.78 7.53 -5.44
C SER C 313 -6.83 6.43 -4.39
N PHE C 314 -6.96 5.18 -4.82
CA PHE C 314 -7.18 4.09 -3.88
C PHE C 314 -5.96 3.88 -2.98
N ASN C 315 -4.77 3.78 -3.57
CA ASN C 315 -3.59 3.54 -2.76
C ASN C 315 -3.41 4.64 -1.73
N HIS C 316 -3.59 5.89 -2.14
CA HIS C 316 -3.51 7.00 -1.20
C HIS C 316 -4.61 6.91 -0.15
N SER C 317 -5.69 6.19 -0.43
CA SER C 317 -6.82 6.11 0.49
C SER C 317 -6.66 5.03 1.55
N ARG C 318 -5.58 4.26 1.51
CA ARG C 318 -5.34 3.26 2.55
C ARG C 318 -4.82 3.85 3.83
N LEU C 319 -4.53 5.16 3.85
CA LEU C 319 -4.03 5.80 5.05
C LEU C 319 -5.04 5.77 6.19
N ALA C 320 -6.32 5.60 5.90
CA ALA C 320 -7.35 5.54 6.93
C ALA C 320 -7.37 6.91 7.61
N PHE C 321 -7.09 6.99 8.91
CA PHE C 321 -7.15 8.23 9.66
C PHE C 321 -5.76 8.63 10.16
N ASN C 322 -5.69 9.86 10.67
CA ASN C 322 -4.47 10.35 11.31
C ASN C 322 -4.85 11.48 12.25
N ALA C 323 -4.28 11.46 13.46
CA ALA C 323 -4.53 12.48 14.46
C ALA C 323 -3.24 12.77 15.21
N PHE C 324 -3.14 13.99 15.72
CA PHE C 324 -1.94 14.42 16.42
C PHE C 324 -2.29 15.57 17.35
N ARG C 325 -1.51 15.72 18.42
CA ARG C 325 -1.63 16.85 19.34
C ARG C 325 -0.31 17.62 19.36
N GLY C 326 -0.41 18.94 19.21
CA GLY C 326 0.75 19.81 19.30
C GLY C 326 0.73 20.56 20.61
N GLY C 327 1.65 20.21 21.50
CA GLY C 327 1.74 20.82 22.80
C GLY C 327 1.78 19.77 23.90
N GLN C 328 1.23 20.13 25.06
CA GLN C 328 1.25 19.28 26.24
C GLN C 328 -0.18 19.01 26.71
N GLN C 329 -0.41 17.80 27.21
CA GLN C 329 -1.67 17.41 27.79
C GLN C 329 -1.45 16.91 29.22
N GLY C 330 -2.23 17.45 30.15
CA GLY C 330 -2.11 17.05 31.53
C GLY C 330 -2.61 15.63 31.78
N VAL C 331 -2.16 15.06 32.88
CA VAL C 331 -2.55 13.72 33.30
C VAL C 331 -3.30 13.86 34.62
N PRO C 332 -4.51 13.31 34.76
CA PRO C 332 -5.25 13.48 36.01
C PRO C 332 -4.66 12.72 37.18
N SER C 333 -4.32 11.44 37.00
CA SER C 333 -3.90 10.58 38.11
C SER C 333 -2.81 9.65 37.63
N LEU C 334 -1.71 9.60 38.37
CA LEU C 334 -0.59 8.70 38.07
C LEU C 334 -0.70 7.41 38.89
N SER C 335 -1.86 6.77 38.84
CA SER C 335 -2.13 5.57 39.62
C SER C 335 -2.88 4.55 38.78
N TYR C 336 -2.42 4.35 37.54
CA TYR C 336 -3.06 3.41 36.62
C TYR C 336 -4.52 3.79 36.38
N VAL C 337 -4.74 5.08 36.16
CA VAL C 337 -6.07 5.62 35.86
C VAL C 337 -6.16 5.84 34.36
N THR C 338 -7.06 5.12 33.72
CA THR C 338 -7.23 5.24 32.28
C THR C 338 -7.60 6.67 31.91
N THR C 339 -6.96 7.19 30.87
CA THR C 339 -7.24 8.53 30.39
C THR C 339 -7.08 8.55 28.88
N THR C 340 -7.90 9.36 28.21
CA THR C 340 -7.91 9.43 26.76
C THR C 340 -7.13 10.64 26.29
N ALA C 341 -6.13 10.41 25.45
CA ALA C 341 -5.36 11.50 24.86
C ALA C 341 -6.24 12.30 23.90
N GLN C 342 -5.95 13.58 23.77
CA GLN C 342 -6.70 14.47 22.91
C GLN C 342 -5.89 14.78 21.65
N PHE C 343 -6.53 15.48 20.71
CA PHE C 343 -5.92 15.81 19.44
C PHE C 343 -6.52 17.11 18.93
N ASN C 344 -5.69 18.12 18.74
CA ASN C 344 -6.13 19.40 18.20
C ASN C 344 -6.40 19.33 16.70
N SER C 345 -5.87 18.33 16.01
CA SER C 345 -6.08 18.19 14.58
C SER C 345 -6.14 16.70 14.24
N SER C 346 -6.83 16.37 13.15
CA SER C 346 -6.94 14.99 12.72
C SER C 346 -7.43 14.98 11.27
N SER C 347 -7.16 13.86 10.60
CA SER C 347 -7.57 13.68 9.21
C SER C 347 -8.07 12.25 9.04
N VAL C 348 -8.95 12.07 8.05
CA VAL C 348 -9.59 10.79 7.80
C VAL C 348 -9.83 10.62 6.31
N ARG C 349 -9.64 9.38 5.84
CA ARG C 349 -10.02 9.04 4.49
C ARG C 349 -11.51 9.28 4.30
N SER C 350 -11.88 9.82 3.15
CA SER C 350 -13.26 10.17 2.86
C SER C 350 -13.91 9.10 1.99
N GLY C 351 -15.23 8.96 2.15
CA GLY C 351 -15.98 8.03 1.33
C GLY C 351 -16.07 6.61 1.85
N TRP C 352 -15.86 6.41 3.16
CA TRP C 352 -15.92 5.08 3.75
C TRP C 352 -16.65 5.06 5.09
N GLY C 353 -17.32 6.15 5.46
CA GLY C 353 -17.98 6.24 6.74
C GLY C 353 -17.08 6.61 7.89
N ASP C 354 -15.79 6.81 7.65
CA ASP C 354 -14.86 7.18 8.70
C ASP C 354 -15.06 8.63 9.10
N ASN C 355 -14.90 8.91 10.39
CA ASN C 355 -15.00 10.26 10.91
C ASN C 355 -14.24 10.34 12.22
N PHE C 356 -13.52 11.44 12.41
CA PHE C 356 -12.79 11.69 13.66
C PHE C 356 -13.42 12.91 14.32
N SER C 357 -13.85 12.75 15.57
CA SER C 357 -14.55 13.81 16.29
C SER C 357 -14.34 13.61 17.78
N SER C 358 -14.19 14.74 18.50
CA SER C 358 -14.03 14.72 19.95
C SER C 358 -12.96 13.72 20.36
N ASN C 359 -11.85 13.74 19.63
CA ASN C 359 -10.75 12.81 19.86
C ASN C 359 -11.25 11.36 19.80
N ARG C 360 -12.03 11.06 18.77
CA ARG C 360 -12.60 9.74 18.57
C ARG C 360 -12.35 9.31 17.13
N TRP C 361 -11.95 8.05 16.94
CA TRP C 361 -11.82 7.47 15.61
C TRP C 361 -13.07 6.64 15.34
N LEU C 362 -13.93 7.12 14.45
CA LEU C 362 -15.04 6.31 13.98
C LEU C 362 -14.52 5.35 12.91
N VAL C 363 -14.71 4.05 13.13
CA VAL C 363 -14.22 3.03 12.20
C VAL C 363 -15.22 2.97 11.05
N GLY C 364 -14.94 3.74 10.00
CA GLY C 364 -15.85 3.76 8.86
C GLY C 364 -16.03 2.42 8.21
N GLU C 365 -14.97 1.61 8.15
CA GLU C 365 -15.03 0.28 7.58
C GLU C 365 -14.23 -0.68 8.44
N GLY C 366 -14.81 -1.82 8.77
CA GLY C 366 -14.12 -2.81 9.54
C GLY C 366 -13.09 -3.57 8.73
N GLY C 367 -12.29 -4.36 9.42
CA GLY C 367 -11.27 -5.17 8.78
C GLY C 367 -9.99 -5.10 9.57
N THR C 368 -8.90 -5.50 8.91
CA THR C 368 -7.58 -5.44 9.51
C THR C 368 -6.96 -4.07 9.30
N TYR C 369 -6.22 -3.61 10.31
CA TYR C 369 -5.61 -2.29 10.25
C TYR C 369 -4.26 -2.33 10.95
N LEU C 370 -3.41 -1.37 10.60
CA LEU C 370 -2.12 -1.18 11.26
C LEU C 370 -2.17 0.11 12.05
N ILE C 371 -1.78 0.04 13.32
CA ILE C 371 -1.83 1.18 14.23
C ILE C 371 -0.41 1.49 14.68
N THR C 372 -0.03 2.77 14.60
CA THR C 372 1.26 3.24 15.06
C THR C 372 1.03 4.38 16.04
N VAL C 373 1.39 4.16 17.30
CA VAL C 373 1.18 5.13 18.37
C VAL C 373 2.54 5.51 18.92
N THR C 374 2.80 6.82 19.01
CA THR C 374 4.02 7.32 19.61
C THR C 374 3.69 8.58 20.41
N THR C 375 4.09 8.58 21.68
CA THR C 375 3.86 9.71 22.57
C THR C 375 5.10 9.92 23.43
N ARG C 376 5.03 10.89 24.33
CA ARG C 376 6.09 11.13 25.30
C ARG C 376 5.47 11.45 26.65
N PHE C 377 5.79 10.64 27.66
CA PHE C 377 5.46 10.93 29.04
C PHE C 377 6.68 11.56 29.71
N ALA C 378 6.46 12.69 30.38
CA ALA C 378 7.54 13.40 31.04
C ALA C 378 6.99 14.12 32.26
N THR C 379 7.89 14.44 33.19
CA THR C 379 7.55 15.12 34.43
C THR C 379 8.19 16.50 34.43
N VAL C 380 7.43 17.50 34.86
CA VAL C 380 7.90 18.88 34.94
C VAL C 380 7.44 19.47 36.26
N GLY C 381 8.35 20.18 36.93
CA GLY C 381 8.02 20.79 38.21
C GLY C 381 8.11 19.80 39.36
N GLY C 382 8.70 20.22 40.47
CA GLY C 382 8.79 19.35 41.62
C GLY C 382 9.91 18.33 41.51
N THR C 383 9.83 17.32 42.37
CA THR C 383 10.84 16.27 42.43
C THR C 383 10.42 15.11 41.54
N PRO C 384 11.24 14.71 40.57
CA PRO C 384 10.90 13.53 39.76
C PRO C 384 10.71 12.31 40.64
N PRO C 385 9.73 11.47 40.34
CA PRO C 385 9.46 10.33 41.22
C PRO C 385 10.63 9.35 41.27
N THR C 386 10.81 8.73 42.43
CA THR C 386 11.83 7.70 42.58
C THR C 386 11.54 6.47 41.73
N TYR C 387 10.31 6.32 41.26
CA TYR C 387 9.94 5.21 40.40
C TYR C 387 8.85 5.67 39.45
N PHE C 388 8.93 5.22 38.20
CA PHE C 388 8.00 5.61 37.15
C PHE C 388 7.45 4.35 36.48
N ASP C 389 6.23 4.48 35.96
CA ASP C 389 5.63 3.40 35.18
C ASP C 389 4.54 3.99 34.31
N ALA C 390 4.44 3.52 33.08
CA ALA C 390 3.41 4.00 32.15
C ALA C 390 3.19 2.94 31.08
N LEU C 391 2.01 2.33 31.10
CA LEU C 391 1.65 1.35 30.09
C LEU C 391 0.98 2.03 28.90
N LEU C 392 1.12 1.41 27.73
CA LEU C 392 0.52 1.89 26.50
C LEU C 392 -0.37 0.78 25.96
N PHE C 393 -1.63 1.11 25.70
CA PHE C 393 -2.63 0.12 25.32
C PHE C 393 -3.75 0.79 24.54
N VAL C 394 -4.38 0.03 23.66
CA VAL C 394 -5.54 0.50 22.92
C VAL C 394 -6.76 0.16 23.78
N GLY C 395 -7.04 1.03 24.74
CA GLY C 395 -8.14 0.84 25.67
C GLY C 395 -9.42 1.49 25.16
N LEU C 396 -10.54 1.03 25.71
CA LEU C 396 -11.84 1.57 25.37
C LEU C 396 -12.70 1.62 26.63
N SER C 397 -12.82 2.80 27.22
CA SER C 397 -13.67 2.97 28.38
C SER C 397 -15.06 2.39 28.11
N GLY C 398 -15.61 1.74 29.13
CA GLY C 398 -16.83 0.97 28.99
C GLY C 398 -16.60 -0.49 28.70
N SER C 399 -15.76 -0.81 27.71
CA SER C 399 -15.34 -2.19 27.46
C SER C 399 -13.98 -2.50 28.05
N GLY C 400 -13.09 -1.52 28.16
CA GLY C 400 -11.80 -1.73 28.79
C GLY C 400 -10.89 -2.70 28.09
N VAL C 401 -11.15 -3.03 26.82
CA VAL C 401 -10.32 -3.97 26.09
C VAL C 401 -9.03 -3.23 25.76
N GLU C 402 -8.00 -3.45 26.56
CA GLU C 402 -6.74 -2.74 26.45
C GLU C 402 -5.73 -3.66 25.78
N ASN C 403 -5.62 -3.54 24.45
CA ASN C 403 -4.59 -4.25 23.72
C ASN C 403 -3.24 -3.67 24.13
N PHE C 404 -2.52 -4.39 24.99
CA PHE C 404 -1.28 -3.88 25.53
C PHE C 404 -0.28 -3.60 24.41
N LEU C 405 0.18 -2.35 24.32
CA LEU C 405 1.15 -1.97 23.30
C LEU C 405 2.57 -2.04 23.84
N THR C 406 2.85 -1.33 24.92
CA THR C 406 4.18 -1.33 25.51
C THR C 406 4.10 -0.71 26.90
N ARG C 407 5.15 -0.93 27.68
CA ARG C 407 5.26 -0.42 29.05
C ARG C 407 6.68 0.09 29.25
N SER C 408 6.89 1.37 29.00
CA SER C 408 8.19 2.01 29.18
C SER C 408 8.26 2.62 30.57
N GLN C 409 9.31 2.27 31.32
CA GLN C 409 9.51 2.77 32.66
C GLN C 409 10.97 3.12 32.87
N SER C 410 11.22 4.17 33.65
CA SER C 410 12.56 4.56 34.04
C SER C 410 12.46 5.74 35.01
N VAL C 411 13.48 5.89 35.84
CA VAL C 411 13.44 6.81 36.96
C VAL C 411 14.04 8.15 36.55
N TYR C 412 14.09 8.41 35.24
CA TYR C 412 14.48 9.72 34.70
C TYR C 412 13.32 10.33 33.90
N PRO C 413 12.12 10.41 34.47
CA PRO C 413 11.00 11.03 33.76
C PRO C 413 11.13 12.54 33.62
N SER C 414 12.06 13.17 34.33
CA SER C 414 12.22 14.61 34.26
C SER C 414 12.49 15.10 32.84
N PHE C 415 13.08 14.27 31.99
CA PHE C 415 13.34 14.63 30.61
C PHE C 415 12.45 13.91 29.61
N GLY C 416 11.66 12.94 30.05
CA GLY C 416 10.66 12.33 29.19
C GLY C 416 11.22 11.18 28.37
N TYR C 417 10.34 10.26 28.03
CA TYR C 417 10.66 9.13 27.17
C TYR C 417 9.67 9.08 26.01
N THR C 418 10.13 8.55 24.89
CA THR C 418 9.30 8.37 23.70
C THR C 418 8.97 6.91 23.54
N LEU C 419 7.67 6.59 23.53
CA LEU C 419 7.19 5.24 23.31
C LEU C 419 6.84 5.07 21.85
N SER C 420 7.23 3.94 21.27
CA SER C 420 6.95 3.62 19.88
C SER C 420 6.35 2.23 19.82
N TRP C 421 5.20 2.10 19.15
CA TRP C 421 4.58 0.80 18.96
C TRP C 421 3.93 0.73 17.58
N VAL C 422 4.16 -0.37 16.89
CA VAL C 422 3.50 -0.66 15.62
C VAL C 422 3.09 -2.12 15.64
N GLY C 423 1.84 -2.39 15.25
CA GLY C 423 1.37 -3.76 15.20
C GLY C 423 0.03 -3.83 14.52
N ILE C 424 -0.43 -5.06 14.31
CA ILE C 424 -1.64 -5.33 13.56
C ILE C 424 -2.81 -5.40 14.52
N LEU C 425 -3.81 -4.56 14.30
CA LEU C 425 -5.04 -4.55 15.10
C LEU C 425 -6.23 -4.49 14.15
N THR C 426 -7.20 -5.37 14.41
CA THR C 426 -8.42 -5.44 13.61
C THR C 426 -9.51 -4.64 14.33
N PHE C 427 -10.47 -4.15 13.56
CA PHE C 427 -11.56 -3.35 14.11
C PHE C 427 -12.81 -3.55 13.26
N ASN C 428 -13.96 -3.24 13.85
CA ASN C 428 -15.25 -3.44 13.21
C ASN C 428 -15.92 -2.10 12.97
N THR C 429 -16.74 -2.06 11.92
CA THR C 429 -17.32 -0.80 11.48
C THR C 429 -18.20 -0.20 12.56
N GLY C 430 -18.22 1.13 12.62
CA GLY C 430 -19.05 1.86 13.56
C GLY C 430 -18.50 1.98 14.95
N GLN C 431 -17.33 1.41 15.24
CA GLN C 431 -16.77 1.50 16.57
C GLN C 431 -16.13 2.86 16.79
N ASN C 432 -16.38 3.44 17.96
CA ASN C 432 -15.77 4.70 18.38
C ASN C 432 -14.51 4.34 19.15
N VAL C 433 -13.36 4.45 18.48
CA VAL C 433 -12.08 4.01 19.02
C VAL C 433 -11.32 5.23 19.50
N PHE C 434 -10.70 5.11 20.67
CA PHE C 434 -9.88 6.16 21.24
C PHE C 434 -8.68 5.53 21.94
N LEU C 435 -7.65 6.34 22.17
CA LEU C 435 -6.41 5.87 22.75
C LEU C 435 -6.44 6.10 24.26
N ASN C 436 -6.15 5.07 25.03
CA ASN C 436 -6.10 5.14 26.47
C ASN C 436 -4.68 4.88 26.98
N TYR C 437 -4.28 5.66 27.98
CA TYR C 437 -2.95 5.54 28.56
C TYR C 437 -3.07 5.55 30.08
N GLN C 438 -2.25 4.75 30.74
CA GLN C 438 -2.18 4.71 32.20
C GLN C 438 -0.75 4.91 32.64
N VAL C 439 -0.57 5.74 33.67
CA VAL C 439 0.74 6.08 34.20
C VAL C 439 0.74 5.81 35.69
N ASN C 440 1.82 5.22 36.18
CA ASN C 440 2.02 5.00 37.61
C ASN C 440 3.44 5.40 37.97
N ALA C 441 3.57 6.23 39.01
CA ALA C 441 4.87 6.66 39.49
C ALA C 441 4.86 6.70 41.01
N VAL C 442 5.99 6.35 41.60
CA VAL C 442 6.14 6.32 43.05
C VAL C 442 7.30 7.23 43.43
N GLY C 443 7.14 7.97 44.52
CA GLY C 443 8.14 8.90 44.96
C GLY C 443 7.99 10.27 44.31
N GLY C 444 8.89 11.17 44.71
CA GLY C 444 8.86 12.51 44.20
C GLY C 444 7.82 13.38 44.90
N GLY C 445 7.78 14.63 44.49
CA GLY C 445 6.84 15.59 45.06
C GLY C 445 6.62 16.78 44.15
N SER C 446 5.37 17.24 44.08
CA SER C 446 5.01 18.37 43.21
C SER C 446 5.28 18.06 41.75
N TYR C 447 5.21 16.78 41.38
CA TYR C 447 5.50 16.34 40.03
C TYR C 447 4.20 16.00 39.30
N SER C 448 4.11 16.43 38.05
CA SER C 448 2.95 16.17 37.20
C SER C 448 3.43 15.65 35.87
N VAL C 449 3.19 14.37 35.62
CA VAL C 449 3.59 13.76 34.36
C VAL C 449 2.86 14.47 33.23
N VAL C 450 3.53 14.61 32.09
CA VAL C 450 3.03 15.40 30.96
C VAL C 450 3.09 14.53 29.71
N LEU C 451 2.02 14.57 28.92
CA LEU C 451 1.93 13.82 27.67
C LEU C 451 1.95 14.81 26.51
N GLU C 452 2.87 14.61 25.58
CA GLU C 452 3.01 15.49 24.43
C GLU C 452 3.34 14.66 23.19
N ASP C 453 3.45 15.37 22.07
CA ASP C 453 3.75 14.77 20.75
C ASP C 453 3.06 13.42 20.59
N VAL C 454 1.74 13.44 20.74
CA VAL C 454 0.93 12.24 20.62
C VAL C 454 0.59 12.04 19.15
N ARG C 455 1.06 10.93 18.58
CA ARG C 455 0.73 10.54 17.21
C ARG C 455 -0.18 9.33 17.26
N PHE C 456 -1.30 9.40 16.54
CA PHE C 456 -2.22 8.27 16.44
C PHE C 456 -2.78 8.25 15.03
N SER C 457 -2.48 7.19 14.29
CA SER C 457 -2.99 7.00 12.95
C SER C 457 -3.15 5.50 12.68
N GLY C 458 -4.05 5.18 11.76
CA GLY C 458 -4.26 3.81 11.36
C GLY C 458 -3.97 3.60 9.89
N ILE C 459 -4.01 2.35 9.44
CA ILE C 459 -3.83 2.01 8.03
C ILE C 459 -4.80 0.91 7.68
N GLN C 460 -5.42 1.01 6.50
CA GLN C 460 -6.41 0.01 6.08
C GLN C 460 -5.70 -1.18 5.46
N LEU C 461 -6.07 -2.38 5.89
CA LEU C 461 -5.58 -3.63 5.33
C LEU C 461 -6.68 -4.67 5.32
N GLY C 462 -6.90 -5.26 4.15
CA GLY C 462 -7.90 -6.31 4.01
C GLY C 462 -7.32 -7.69 4.20
#